data_4GXH
#
_entry.id   4GXH
#
_cell.length_a   117.179
_cell.length_b   117.179
_cell.length_c   186.615
_cell.angle_alpha   90.000
_cell.angle_beta   90.000
_cell.angle_gamma   90.000
#
_symmetry.space_group_name_H-M   'P 43 2 2'
#
loop_
_entity.id
_entity.type
_entity.pdbx_description
1 polymer 'Pyrrolidone-carboxylate peptidase'
2 non-polymer 'PHOSPHATE ION'
3 non-polymer 'CHLORIDE ION'
4 water water
#
_entity_poly.entity_id   1
_entity_poly.type   'polypeptide(L)'
_entity_poly.pdbx_seq_one_letter_code
;S(MSE)KTILVTAFDPFGGEAINPSWEAIKPLQGSQVFGANIEICQIPCIFDTSLEHLYAAVDKYQPELVISVGQAGGRT
NITVERVAININDARIPDNAGNQPIDTPVIVDGPAAYFSRLPIKT(MSE)VNALNTAGIPASVSQTAGTFVCNHV(MSE)
YGLLHYLAQNTPSVRGGFIHVPYLPEQAVKDGNQSS(MSE)TL(MSE)L(MSE)TLALKIAIETAWKNTSDIAVTGGATH
;
_entity_poly.pdbx_strand_id   A,B,C,D
#
loop_
_chem_comp.id
_chem_comp.type
_chem_comp.name
_chem_comp.formula
CL non-polymer 'CHLORIDE ION' 'Cl -1'
PO4 non-polymer 'PHOSPHATE ION' 'O4 P -3'
#
# COMPACT_ATOMS: atom_id res chain seq x y z
N LYS A 3 10.64 -5.77 42.20
CA LYS A 3 9.77 -6.32 41.16
C LYS A 3 10.46 -6.34 39.79
N THR A 4 10.09 -7.32 38.95
CA THR A 4 10.78 -7.55 37.69
C THR A 4 9.86 -7.51 36.46
N ILE A 5 10.29 -6.80 35.42
CA ILE A 5 9.61 -6.76 34.13
C ILE A 5 10.55 -7.39 33.12
N LEU A 6 10.18 -8.54 32.59
CA LEU A 6 10.99 -9.21 31.59
C LEU A 6 10.55 -8.76 30.20
N VAL A 7 11.51 -8.31 29.40
CA VAL A 7 11.31 -7.85 28.03
C VAL A 7 12.24 -8.65 27.11
N THR A 8 11.66 -9.32 26.11
CA THR A 8 12.46 -10.19 25.25
C THR A 8 12.52 -9.71 23.81
N ALA A 9 13.53 -10.17 23.07
CA ALA A 9 13.67 -9.85 21.65
C ALA A 9 14.30 -11.04 20.95
N PHE A 10 14.45 -10.96 19.63
CA PHE A 10 15.07 -12.05 18.90
C PHE A 10 16.45 -11.70 18.37
N ASP A 11 17.24 -12.71 18.04
CA ASP A 11 18.50 -12.46 17.34
C ASP A 11 18.14 -12.33 15.85
N PRO A 12 19.11 -12.11 14.96
CA PRO A 12 18.58 -11.71 13.65
C PRO A 12 18.10 -12.89 12.80
N PHE A 13 17.11 -12.67 11.92
N PHE A 13 17.09 -12.69 11.96
CA PHE A 13 16.65 -13.71 10.98
CA PHE A 13 16.71 -13.76 11.06
C PHE A 13 17.75 -13.97 9.94
C PHE A 13 17.78 -13.92 10.01
N GLY A 14 18.70 -14.87 10.25
CA GLY A 14 19.72 -15.27 9.29
C GLY A 14 20.29 -14.25 8.33
N GLY A 15 19.42 -13.68 7.50
CA GLY A 15 19.77 -12.63 6.57
C GLY A 15 20.43 -11.45 7.26
N GLU A 16 19.62 -10.62 7.92
CA GLU A 16 20.09 -9.40 8.58
C GLU A 16 21.29 -9.64 9.50
N ALA A 17 22.04 -8.58 9.78
CA ALA A 17 23.24 -8.67 10.61
C ALA A 17 22.87 -8.36 12.06
N ILE A 18 21.76 -7.65 12.22
CA ILE A 18 21.22 -7.32 13.52
C ILE A 18 19.74 -7.61 13.50
N ASN A 19 19.11 -7.58 14.67
CA ASN A 19 17.65 -7.56 14.75
C ASN A 19 17.27 -6.29 15.47
N PRO A 20 16.55 -5.40 14.79
CA PRO A 20 16.19 -4.12 15.39
C PRO A 20 15.60 -4.25 16.79
N SER A 21 14.78 -5.26 17.01
CA SER A 21 14.09 -5.40 18.28
C SER A 21 15.08 -5.55 19.45
N TRP A 22 16.14 -6.31 19.24
CA TRP A 22 17.15 -6.48 20.27
C TRP A 22 17.88 -5.16 20.49
N GLU A 23 18.23 -4.52 19.38
CA GLU A 23 18.88 -3.21 19.42
C GLU A 23 18.05 -2.21 20.22
N ALA A 24 16.73 -2.30 20.07
CA ALA A 24 15.86 -1.28 20.65
C ALA A 24 15.69 -1.42 22.16
N ILE A 25 15.76 -2.64 22.67
CA ILE A 25 15.54 -2.82 24.11
C ILE A 25 16.81 -2.94 24.93
N LYS A 26 17.95 -3.11 24.27
CA LYS A 26 19.24 -3.05 24.97
C LYS A 26 19.31 -1.81 25.88
N PRO A 27 18.96 -0.61 25.36
CA PRO A 27 19.10 0.55 26.24
C PRO A 27 18.21 0.50 27.49
N LEU A 28 17.22 -0.38 27.52
CA LEU A 28 16.28 -0.46 28.63
C LEU A 28 16.81 -1.20 29.84
N GLN A 29 17.89 -1.97 29.69
CA GLN A 29 18.29 -2.86 30.78
C GLN A 29 18.74 -2.10 32.04
N GLY A 30 18.18 -2.51 33.18
CA GLY A 30 18.55 -1.98 34.47
C GLY A 30 17.70 -0.80 34.92
N SER A 31 17.02 -0.17 33.98
CA SER A 31 16.27 1.03 34.31
C SER A 31 15.07 0.69 35.19
N GLN A 32 14.71 1.62 36.07
CA GLN A 32 13.68 1.39 37.08
C GLN A 32 12.36 2.05 36.67
N VAL A 33 11.28 1.29 36.73
CA VAL A 33 9.96 1.78 36.31
C VAL A 33 8.95 1.72 37.46
N PHE A 34 8.69 2.89 38.05
CA PHE A 34 7.96 2.97 39.31
C PHE A 34 8.71 2.10 40.31
N GLY A 35 8.14 0.95 40.67
CA GLY A 35 8.81 0.09 41.63
C GLY A 35 9.57 -1.09 41.03
N ALA A 36 9.57 -1.19 39.71
CA ALA A 36 10.10 -2.38 39.05
C ALA A 36 11.33 -2.10 38.20
N ASN A 37 12.18 -3.12 38.08
CA ASN A 37 13.38 -3.02 37.26
C ASN A 37 13.18 -3.85 36.01
N ILE A 38 13.63 -3.33 34.87
CA ILE A 38 13.56 -4.07 33.61
C ILE A 38 14.75 -5.02 33.42
N GLU A 39 14.45 -6.26 33.08
CA GLU A 39 15.44 -7.23 32.63
C GLU A 39 15.22 -7.51 31.15
N ILE A 40 16.29 -7.65 30.38
CA ILE A 40 16.14 -8.09 29.02
C ILE A 40 16.84 -9.45 28.82
N CYS A 41 16.50 -10.10 27.71
CA CYS A 41 16.98 -11.43 27.39
C CYS A 41 16.64 -11.69 25.93
N GLN A 42 17.64 -12.07 25.14
CA GLN A 42 17.47 -12.32 23.72
C GLN A 42 17.22 -13.81 23.46
N ILE A 43 16.25 -14.12 22.59
CA ILE A 43 15.96 -15.53 22.28
C ILE A 43 16.10 -15.90 20.81
N PRO A 44 16.58 -17.14 20.53
CA PRO A 44 16.90 -17.51 19.15
C PRO A 44 15.67 -17.52 18.27
N CYS A 45 15.84 -17.10 17.03
CA CYS A 45 14.70 -17.05 16.13
C CYS A 45 14.45 -18.37 15.39
N ILE A 46 14.06 -19.41 16.12
CA ILE A 46 13.74 -20.73 15.55
C ILE A 46 12.66 -21.46 16.36
N PHE A 47 11.82 -22.23 15.69
CA PHE A 47 10.67 -22.83 16.37
C PHE A 47 11.06 -23.80 17.47
N ASP A 48 10.29 -23.73 18.54
CA ASP A 48 10.38 -24.65 19.67
C ASP A 48 11.59 -24.45 20.58
N THR A 49 12.76 -24.20 19.99
CA THR A 49 13.86 -23.79 20.83
C THR A 49 13.60 -22.43 21.48
N SER A 50 13.05 -21.52 20.69
CA SER A 50 12.63 -20.21 21.19
C SER A 50 11.85 -20.30 22.51
N LEU A 51 10.86 -21.18 22.53
CA LEU A 51 10.01 -21.36 23.70
C LEU A 51 10.81 -21.78 24.93
N GLU A 52 11.75 -22.69 24.71
CA GLU A 52 12.59 -23.18 25.78
C GLU A 52 13.42 -22.07 26.42
N HIS A 53 14.05 -21.25 25.58
CA HIS A 53 14.81 -20.13 26.11
C HIS A 53 13.91 -19.19 26.87
N LEU A 54 12.70 -18.99 26.33
CA LEU A 54 11.72 -18.10 26.92
C LEU A 54 11.32 -18.63 28.28
N TYR A 55 10.83 -19.86 28.29
CA TYR A 55 10.41 -20.51 29.53
C TYR A 55 11.52 -20.40 30.58
N ALA A 56 12.77 -20.57 30.14
CA ALA A 56 13.89 -20.46 31.03
C ALA A 56 13.95 -19.08 31.67
N ALA A 57 13.83 -18.06 30.84
CA ALA A 57 13.92 -16.68 31.30
C ALA A 57 12.81 -16.28 32.27
N VAL A 58 11.59 -16.72 31.98
CA VAL A 58 10.45 -16.46 32.85
C VAL A 58 10.68 -17.11 34.22
N ASP A 59 11.26 -18.31 34.17
CA ASP A 59 11.54 -19.10 35.35
C ASP A 59 12.63 -18.47 36.18
N LYS A 60 13.64 -17.91 35.53
CA LYS A 60 14.76 -17.33 36.25
C LYS A 60 14.37 -16.02 36.94
N TYR A 61 13.72 -15.14 36.18
CA TYR A 61 13.47 -13.77 36.64
C TYR A 61 12.20 -13.61 37.44
N GLN A 62 11.27 -14.56 37.29
CA GLN A 62 9.97 -14.51 37.96
C GLN A 62 9.37 -13.09 37.88
N PRO A 63 8.92 -12.69 36.69
CA PRO A 63 8.47 -11.33 36.41
C PRO A 63 7.01 -11.10 36.80
N GLU A 64 6.68 -9.86 37.13
CA GLU A 64 5.28 -9.49 37.36
C GLU A 64 4.58 -9.19 36.04
N LEU A 65 5.39 -9.06 34.98
CA LEU A 65 4.94 -8.55 33.67
C LEU A 65 5.96 -8.93 32.60
N VAL A 66 5.50 -9.60 31.54
CA VAL A 66 6.40 -10.06 30.47
C VAL A 66 5.96 -9.52 29.14
N ILE A 67 6.86 -8.81 28.47
CA ILE A 67 6.56 -8.26 27.16
C ILE A 67 7.60 -8.68 26.13
N SER A 68 7.16 -9.46 25.16
CA SER A 68 8.03 -9.89 24.08
C SER A 68 7.96 -8.93 22.90
N VAL A 69 9.11 -8.70 22.25
CA VAL A 69 9.20 -7.78 21.14
C VAL A 69 9.75 -8.47 19.91
N GLY A 70 9.14 -8.21 18.75
CA GLY A 70 9.67 -8.69 17.48
C GLY A 70 9.55 -7.68 16.35
N GLN A 71 10.07 -8.02 15.19
CA GLN A 71 10.07 -7.10 14.07
C GLN A 71 9.03 -7.49 13.03
N ALA A 72 8.26 -6.50 12.57
CA ALA A 72 7.29 -6.72 11.51
C ALA A 72 7.57 -5.82 10.32
N GLY A 73 8.54 -6.23 9.52
CA GLY A 73 8.89 -5.52 8.31
C GLY A 73 7.71 -5.17 7.42
N GLY A 74 7.53 -3.89 7.12
CA GLY A 74 6.45 -3.49 6.25
C GLY A 74 5.40 -2.68 6.99
N ARG A 75 5.31 -2.88 8.29
CA ARG A 75 4.35 -2.14 9.06
C ARG A 75 4.84 -0.70 9.24
N THR A 76 3.92 0.24 9.34
CA THR A 76 4.27 1.66 9.34
C THR A 76 4.54 2.20 10.73
N ASN A 77 4.16 1.44 11.75
CA ASN A 77 4.07 1.98 13.10
C ASN A 77 4.26 0.91 14.17
N ILE A 78 4.36 1.31 15.43
CA ILE A 78 4.42 0.34 16.51
C ILE A 78 3.08 -0.37 16.59
N THR A 79 3.10 -1.70 16.62
CA THR A 79 1.86 -2.44 16.82
C THR A 79 1.87 -3.31 18.09
N VAL A 80 0.77 -3.25 18.83
CA VAL A 80 0.60 -4.02 20.06
C VAL A 80 -0.38 -5.16 19.77
N GLU A 81 0.01 -6.39 20.06
CA GLU A 81 -0.79 -7.54 19.60
C GLU A 81 -1.98 -7.85 20.48
N ARG A 82 -3.08 -8.26 19.85
CA ARG A 82 -4.29 -8.58 20.58
C ARG A 82 -4.34 -10.04 20.93
N VAL A 83 -4.02 -10.89 19.97
CA VAL A 83 -4.26 -12.31 20.14
C VAL A 83 -3.16 -13.19 19.56
N ALA A 84 -2.82 -14.25 20.30
CA ALA A 84 -1.86 -15.23 19.82
C ALA A 84 -2.57 -16.51 19.38
N ILE A 85 -2.08 -17.13 18.33
CA ILE A 85 -2.80 -18.19 17.67
C ILE A 85 -2.01 -19.52 17.68
N ASN A 86 -2.69 -20.63 17.93
CA ASN A 86 -2.02 -21.92 18.10
C ASN A 86 -1.70 -22.60 16.79
N ILE A 87 -0.92 -21.93 15.95
CA ILE A 87 -0.57 -22.45 14.65
C ILE A 87 0.80 -21.97 14.18
N ASN A 88 1.61 -22.91 13.69
CA ASN A 88 2.86 -22.61 13.03
C ASN A 88 2.59 -22.81 11.56
N ASP A 89 2.82 -21.77 10.74
CA ASP A 89 2.73 -21.93 9.30
C ASP A 89 3.73 -21.02 8.64
N ALA A 90 4.83 -21.60 8.14
CA ALA A 90 6.01 -20.80 7.84
C ALA A 90 6.27 -20.60 6.35
N ARG A 91 6.27 -19.34 5.93
CA ARG A 91 6.62 -18.98 4.57
C ARG A 91 8.06 -19.41 4.24
N ILE A 92 8.98 -19.08 5.13
CA ILE A 92 10.39 -19.43 4.95
C ILE A 92 10.85 -20.27 6.12
N PRO A 93 12.07 -20.81 6.06
CA PRO A 93 12.49 -21.55 7.26
C PRO A 93 13.07 -20.64 8.32
N ASP A 94 13.12 -21.10 9.57
CA ASP A 94 13.75 -20.35 10.66
C ASP A 94 15.27 -20.52 10.58
N ASN A 95 15.99 -19.86 11.48
CA ASN A 95 17.45 -19.96 11.47
C ASN A 95 18.02 -21.39 11.50
N ALA A 96 17.20 -22.38 11.83
CA ALA A 96 17.68 -23.75 11.96
C ALA A 96 17.15 -24.65 10.86
N GLY A 97 16.42 -24.07 9.91
CA GLY A 97 15.94 -24.84 8.77
C GLY A 97 14.54 -25.40 8.90
N ASN A 98 13.94 -25.27 10.08
CA ASN A 98 12.55 -25.72 10.25
C ASN A 98 11.59 -24.84 9.46
N GLN A 99 10.68 -25.48 8.72
CA GLN A 99 9.61 -24.76 8.04
C GLN A 99 8.32 -25.51 8.26
N PRO A 100 7.77 -25.45 9.48
CA PRO A 100 6.49 -26.09 9.78
C PRO A 100 5.32 -25.56 8.97
N ILE A 101 4.46 -26.48 8.55
CA ILE A 101 3.23 -26.10 7.87
C ILE A 101 1.99 -26.53 8.68
N ASP A 102 1.21 -25.55 9.13
CA ASP A 102 -0.07 -25.83 9.79
C ASP A 102 -0.03 -26.87 10.94
N THR A 103 1.00 -26.77 11.77
CA THR A 103 1.11 -27.61 12.96
C THR A 103 0.81 -26.74 14.18
N PRO A 104 0.43 -27.37 15.30
CA PRO A 104 0.09 -26.60 16.51
C PRO A 104 1.31 -26.01 17.13
N VAL A 105 1.17 -24.88 17.81
CA VAL A 105 2.26 -24.42 18.62
C VAL A 105 2.35 -25.38 19.80
N ILE A 106 1.20 -25.69 20.41
CA ILE A 106 1.15 -26.65 21.50
C ILE A 106 -0.02 -27.60 21.33
N VAL A 107 0.27 -28.88 21.22
CA VAL A 107 -0.76 -29.87 20.91
C VAL A 107 -1.81 -29.91 22.02
N ASP A 108 -3.07 -29.89 21.61
CA ASP A 108 -4.20 -29.88 22.52
C ASP A 108 -4.31 -28.57 23.31
N GLY A 109 -3.51 -27.58 22.95
CA GLY A 109 -3.63 -26.26 23.51
C GLY A 109 -4.86 -25.56 22.95
N PRO A 110 -5.40 -24.60 23.69
CA PRO A 110 -6.54 -23.85 23.15
C PRO A 110 -6.19 -23.17 21.82
N ALA A 111 -7.20 -22.84 21.04
CA ALA A 111 -7.00 -22.23 19.73
C ALA A 111 -6.22 -20.92 19.82
N ALA A 112 -6.44 -20.16 20.90
CA ALA A 112 -5.81 -18.85 20.99
C ALA A 112 -5.77 -18.33 22.42
N TYR A 113 -4.85 -17.39 22.68
CA TYR A 113 -4.83 -16.62 23.93
C TYR A 113 -4.93 -15.12 23.64
N PHE A 114 -5.68 -14.39 24.46
CA PHE A 114 -5.69 -12.94 24.36
C PHE A 114 -4.52 -12.41 25.17
N SER A 115 -3.91 -11.34 24.71
CA SER A 115 -2.90 -10.66 25.48
C SER A 115 -3.57 -10.10 26.71
N ARG A 116 -2.80 -9.94 27.77
CA ARG A 116 -3.37 -9.58 29.06
C ARG A 116 -3.04 -8.13 29.36
N LEU A 117 -2.17 -7.57 28.52
CA LEU A 117 -1.72 -6.20 28.68
C LEU A 117 -2.85 -5.20 28.43
N PRO A 118 -2.67 -3.95 28.87
CA PRO A 118 -3.70 -2.95 28.57
C PRO A 118 -3.40 -2.34 27.20
N ILE A 119 -3.70 -3.10 26.15
CA ILE A 119 -3.26 -2.73 24.81
C ILE A 119 -3.75 -1.36 24.31
N LYS A 120 -5.03 -1.04 24.54
CA LYS A 120 -5.59 0.23 24.08
C LYS A 120 -4.96 1.40 24.81
N THR A 121 -4.76 1.25 26.11
CA THR A 121 -4.13 2.31 26.88
C THR A 121 -2.73 2.55 26.38
N MSE A 122 -2.03 1.48 26.04
CA MSE A 122 -0.66 1.58 25.55
C MSE A 122 -0.65 2.32 24.24
O MSE A 122 0.18 3.21 24.00
CB MSE A 122 -0.06 0.19 25.40
CG MSE A 122 0.13 -0.55 26.71
SE MSE A 122 0.40 -2.49 26.52
CE MSE A 122 2.21 -2.48 25.78
N VAL A 123 -1.58 1.96 23.37
CA VAL A 123 -1.66 2.56 22.06
C VAL A 123 -2.02 4.05 22.23
N ASN A 124 -2.85 4.37 23.21
CA ASN A 124 -3.15 5.76 23.48
C ASN A 124 -1.95 6.55 23.97
N ALA A 125 -1.23 5.99 24.92
CA ALA A 125 -0.05 6.67 25.44
C ALA A 125 0.90 7.00 24.29
N LEU A 126 1.13 6.02 23.43
CA LEU A 126 1.98 6.24 22.26
C LEU A 126 1.45 7.32 21.31
N ASN A 127 0.16 7.29 20.97
CA ASN A 127 -0.39 8.29 20.05
C ASN A 127 -0.29 9.70 20.60
N THR A 128 -0.73 9.87 21.84
CA THR A 128 -0.59 11.13 22.57
C THR A 128 0.83 11.68 22.54
N ALA A 129 1.81 10.80 22.67
CA ALA A 129 3.21 11.18 22.68
C ALA A 129 3.72 11.49 21.30
N GLY A 130 2.84 11.42 20.29
CA GLY A 130 3.23 11.68 18.93
C GLY A 130 3.94 10.52 18.25
N ILE A 131 3.71 9.31 18.76
CA ILE A 131 4.23 8.10 18.15
C ILE A 131 3.12 7.23 17.56
N PRO A 132 3.16 7.01 16.25
CA PRO A 132 2.20 6.19 15.51
C PRO A 132 2.13 4.79 16.10
N ALA A 133 0.95 4.32 16.42
CA ALA A 133 0.80 3.02 17.00
C ALA A 133 -0.63 2.54 16.84
N SER A 134 -0.81 1.23 16.80
CA SER A 134 -2.14 0.68 16.63
C SER A 134 -2.20 -0.73 17.19
N VAL A 135 -3.42 -1.21 17.43
CA VAL A 135 -3.65 -2.57 17.86
C VAL A 135 -3.66 -3.47 16.63
N SER A 136 -3.07 -4.65 16.74
CA SER A 136 -3.05 -5.60 15.64
C SER A 136 -3.79 -6.88 16.03
N GLN A 137 -4.54 -7.48 15.10
CA GLN A 137 -5.22 -8.75 15.40
C GLN A 137 -4.49 -9.98 14.89
N THR A 138 -3.28 -9.80 14.37
CA THR A 138 -2.51 -10.95 13.93
C THR A 138 -1.02 -10.73 14.15
N ALA A 139 -0.40 -11.67 14.86
CA ALA A 139 1.02 -11.63 15.11
C ALA A 139 1.77 -12.41 14.05
N GLY A 140 1.05 -12.91 13.04
CA GLY A 140 1.66 -13.71 12.00
C GLY A 140 1.56 -15.19 12.34
N THR A 141 2.21 -16.05 11.58
CA THR A 141 2.21 -17.46 11.95
C THR A 141 3.65 -17.99 11.99
N PHE A 142 4.59 -17.06 11.96
CA PHE A 142 6.01 -17.42 12.04
C PHE A 142 6.46 -17.50 13.50
N VAL A 143 7.72 -17.14 13.75
CA VAL A 143 8.31 -17.32 15.09
C VAL A 143 7.74 -16.39 16.16
N CYS A 144 7.46 -15.13 15.81
CA CYS A 144 6.85 -14.18 16.76
C CYS A 144 5.51 -14.67 17.36
N ASN A 145 4.56 -15.09 16.53
CA ASN A 145 3.32 -15.65 17.05
C ASN A 145 3.56 -16.91 17.87
N HIS A 146 4.43 -17.77 17.37
CA HIS A 146 4.87 -18.97 18.09
C HIS A 146 5.27 -18.62 19.53
N VAL A 147 6.21 -17.69 19.66
CA VAL A 147 6.63 -17.22 20.96
C VAL A 147 5.51 -16.55 21.77
N MSE A 148 4.65 -15.78 21.10
CA MSE A 148 3.53 -15.15 21.81
C MSE A 148 2.55 -16.16 22.39
O MSE A 148 2.17 -16.07 23.55
CB MSE A 148 2.77 -14.17 20.92
CG MSE A 148 1.79 -13.28 21.72
SE MSE A 148 0.55 -12.22 20.63
CE MSE A 148 -0.42 -11.29 22.05
N TYR A 149 2.15 -17.12 21.58
CA TYR A 149 1.24 -18.13 22.06
C TYR A 149 1.89 -18.91 23.18
N GLY A 150 3.16 -19.29 22.99
CA GLY A 150 3.89 -20.03 24.01
C GLY A 150 3.98 -19.30 25.33
N LEU A 151 4.35 -18.03 25.28
CA LEU A 151 4.34 -17.18 26.46
C LEU A 151 3.05 -17.20 27.23
N LEU A 152 1.93 -16.92 26.56
CA LEU A 152 0.64 -16.75 27.23
C LEU A 152 0.10 -18.05 27.80
N HIS A 153 0.51 -19.15 27.17
CA HIS A 153 0.09 -20.48 27.61
C HIS A 153 0.88 -20.87 28.86
N TYR A 154 2.15 -20.49 28.88
CA TYR A 154 2.98 -20.78 30.03
C TYR A 154 2.52 -19.96 31.24
N LEU A 155 2.24 -18.67 31.02
CA LEU A 155 1.69 -17.87 32.11
C LEU A 155 0.36 -18.44 32.58
N ALA A 156 -0.45 -18.90 31.65
CA ALA A 156 -1.76 -19.42 32.00
C ALA A 156 -1.64 -20.73 32.80
N GLN A 157 -0.68 -21.57 32.46
CA GLN A 157 -0.47 -22.82 33.21
C GLN A 157 0.22 -22.53 34.54
N ASN A 158 1.43 -22.01 34.48
CA ASN A 158 2.29 -21.87 35.66
C ASN A 158 2.07 -20.64 36.58
N THR A 159 1.47 -19.56 36.09
CA THR A 159 1.33 -18.36 36.92
C THR A 159 0.35 -17.31 36.39
N PRO A 160 -0.96 -17.57 36.57
CA PRO A 160 -2.07 -16.88 35.92
C PRO A 160 -2.21 -15.39 36.23
N SER A 161 -1.60 -14.91 37.31
CA SER A 161 -1.69 -13.49 37.66
C SER A 161 -0.73 -12.62 36.86
N VAL A 162 0.29 -13.24 36.27
CA VAL A 162 1.27 -12.52 35.46
C VAL A 162 0.76 -12.19 34.05
N ARG A 163 0.80 -10.91 33.68
CA ARG A 163 0.30 -10.50 32.37
C ARG A 163 1.39 -10.55 31.30
N GLY A 164 1.05 -11.08 30.14
CA GLY A 164 1.99 -11.16 29.04
C GLY A 164 1.45 -10.52 27.78
N GLY A 165 2.34 -10.17 26.86
CA GLY A 165 1.95 -9.64 25.58
C GLY A 165 3.09 -9.35 24.60
N PHE A 166 2.72 -8.80 23.45
CA PHE A 166 3.64 -8.66 22.35
C PHE A 166 3.56 -7.31 21.61
N ILE A 167 4.72 -6.76 21.29
CA ILE A 167 4.84 -5.55 20.50
C ILE A 167 5.67 -5.81 19.25
N HIS A 168 5.17 -5.37 18.10
CA HIS A 168 5.97 -5.47 16.89
C HIS A 168 6.54 -4.10 16.54
N VAL A 169 7.79 -4.09 16.12
CA VAL A 169 8.40 -2.86 15.62
C VAL A 169 8.60 -3.01 14.12
N PRO A 170 8.48 -1.89 13.40
CA PRO A 170 8.74 -1.92 11.95
C PRO A 170 10.22 -2.08 11.64
N TYR A 171 10.57 -1.90 10.38
CA TYR A 171 11.96 -1.89 9.96
C TYR A 171 12.73 -0.70 10.51
N LEU A 172 14.02 -0.87 10.73
CA LEU A 172 14.91 0.28 10.88
C LEU A 172 15.12 0.87 9.49
N PRO A 173 15.45 2.16 9.43
CA PRO A 173 15.74 2.80 8.14
C PRO A 173 16.75 2.04 7.30
N GLU A 174 17.86 1.60 7.87
CA GLU A 174 18.86 0.85 7.10
C GLU A 174 18.31 -0.42 6.42
N GLN A 175 17.31 -1.06 7.01
CA GLN A 175 16.77 -2.27 6.43
C GLN A 175 15.80 -1.95 5.30
N ALA A 176 15.24 -0.74 5.33
CA ALA A 176 14.28 -0.31 4.31
C ALA A 176 14.96 0.19 3.02
N VAL A 177 16.26 0.46 3.09
CA VAL A 177 17.02 0.73 1.89
C VAL A 177 17.05 -0.52 1.02
N LYS A 178 17.18 -1.67 1.66
CA LYS A 178 17.31 -2.97 0.99
C LYS A 178 16.05 -3.29 0.18
N ASP A 179 14.93 -3.47 0.88
CA ASP A 179 13.61 -3.57 0.25
C ASP A 179 13.35 -2.50 -0.81
N GLY A 180 13.53 -1.25 -0.40
CA GLY A 180 13.27 -0.12 -1.26
C GLY A 180 12.15 0.69 -0.67
N ASN A 181 10.95 0.46 -1.20
CA ASN A 181 9.79 1.27 -0.81
C ASN A 181 9.08 0.76 0.46
N GLN A 182 9.81 0.70 1.58
CA GLN A 182 9.24 0.14 2.78
C GLN A 182 9.35 1.08 3.97
N SER A 183 8.29 1.14 4.75
CA SER A 183 8.21 2.04 5.88
C SER A 183 9.24 1.68 6.94
N SER A 184 9.67 2.67 7.70
CA SER A 184 10.67 2.44 8.72
C SER A 184 10.49 3.39 9.89
N MSE A 185 11.30 3.17 10.92
CA MSE A 185 11.25 3.96 12.14
C MSE A 185 12.66 3.89 12.73
O MSE A 185 13.25 2.82 12.78
CB MSE A 185 10.22 3.36 13.07
CG MSE A 185 10.01 4.12 14.36
SE MSE A 185 8.46 3.50 15.38
CE MSE A 185 7.06 3.97 14.12
N THR A 186 13.23 5.03 13.13
CA THR A 186 14.60 5.04 13.65
C THR A 186 14.73 4.27 14.99
N LEU A 187 15.93 3.76 15.25
CA LEU A 187 16.21 3.03 16.49
C LEU A 187 15.82 3.82 17.73
N MSE A 188 16.15 5.10 17.73
CA MSE A 188 15.82 5.98 18.83
C MSE A 188 14.33 6.02 19.10
O MSE A 188 13.91 5.87 20.24
CB MSE A 188 16.30 7.40 18.55
CG MSE A 188 17.59 7.75 19.26
SE MSE A 188 17.88 9.66 19.38
CE MSE A 188 16.12 10.27 20.00
N LEU A 189 13.54 6.18 18.06
CA LEU A 189 12.11 6.28 18.25
C LEU A 189 11.51 4.97 18.78
N MSE A 190 11.98 3.84 18.26
CA MSE A 190 11.58 2.54 18.79
C MSE A 190 11.81 2.45 20.28
O MSE A 190 10.92 2.05 21.04
CB MSE A 190 12.40 1.42 18.16
CG MSE A 190 12.13 1.19 16.71
SE MSE A 190 13.07 -0.40 16.13
CE MSE A 190 12.66 -0.23 14.23
N THR A 191 13.02 2.78 20.68
CA THR A 191 13.41 2.62 22.06
C THR A 191 12.48 3.47 22.93
N LEU A 192 12.18 4.69 22.50
CA LEU A 192 11.30 5.56 23.27
C LEU A 192 9.89 5.00 23.29
N ALA A 193 9.42 4.53 22.15
CA ALA A 193 8.09 3.92 22.10
C ALA A 193 7.96 2.73 23.04
N LEU A 194 9.00 1.91 23.12
CA LEU A 194 8.94 0.73 23.95
C LEU A 194 8.94 1.11 25.43
N LYS A 195 9.73 2.11 25.79
CA LYS A 195 9.73 2.68 27.15
C LYS A 195 8.32 3.12 27.57
N ILE A 196 7.73 4.02 26.78
CA ILE A 196 6.37 4.46 27.01
C ILE A 196 5.40 3.29 27.09
N ALA A 197 5.52 2.33 26.17
CA ALA A 197 4.60 1.20 26.09
C ALA A 197 4.67 0.33 27.33
N ILE A 198 5.90 0.06 27.79
CA ILE A 198 6.14 -0.81 28.93
C ILE A 198 5.71 -0.12 30.23
N GLU A 199 6.08 1.14 30.38
CA GLU A 199 5.68 1.88 31.55
C GLU A 199 4.15 1.92 31.64
N THR A 200 3.49 2.05 30.50
CA THR A 200 2.05 2.13 30.52
C THR A 200 1.48 0.80 30.98
N ALA A 201 2.00 -0.31 30.46
CA ALA A 201 1.49 -1.64 30.84
C ALA A 201 1.65 -1.89 32.33
N TRP A 202 2.83 -1.56 32.85
CA TRP A 202 3.06 -1.66 34.28
C TRP A 202 2.05 -0.82 35.07
N LYS A 203 2.02 0.47 34.79
CA LYS A 203 1.10 1.39 35.46
C LYS A 203 -0.37 0.95 35.43
N ASN A 204 -0.74 0.07 34.51
CA ASN A 204 -2.15 -0.32 34.39
C ASN A 204 -2.36 -1.83 34.53
N MSE B 2 31.33 35.26 -0.58
CA MSE B 2 31.39 33.80 -0.55
C MSE B 2 30.24 33.09 -1.29
O MSE B 2 29.18 33.67 -1.55
CB MSE B 2 31.46 33.29 0.90
CG MSE B 2 32.23 31.97 1.06
SE MSE B 2 32.05 31.08 2.80
CE MSE B 2 33.75 30.15 2.86
N LYS B 3 30.46 31.82 -1.62
CA LYS B 3 29.47 31.00 -2.35
C LYS B 3 28.27 30.64 -1.47
N THR B 4 27.08 30.64 -2.05
CA THR B 4 25.88 30.43 -1.26
C THR B 4 24.96 29.35 -1.81
N ILE B 5 24.54 28.45 -0.93
CA ILE B 5 23.54 27.46 -1.27
C ILE B 5 22.23 27.87 -0.62
N LEU B 6 21.19 28.06 -1.44
CA LEU B 6 19.92 28.51 -0.92
C LEU B 6 18.97 27.33 -0.80
N VAL B 7 18.43 27.11 0.39
CA VAL B 7 17.46 26.04 0.65
C VAL B 7 16.10 26.60 1.13
N THR B 8 15.01 26.20 0.49
CA THR B 8 13.70 26.71 0.86
C THR B 8 12.78 25.63 1.45
N ALA B 9 11.68 26.09 2.04
CA ALA B 9 10.66 25.22 2.60
C ALA B 9 9.38 26.02 2.75
N PHE B 10 8.30 25.38 3.16
CA PHE B 10 7.03 26.08 3.22
C PHE B 10 6.57 26.41 4.65
N ASP B 11 5.64 27.35 4.80
CA ASP B 11 5.03 27.53 6.11
C ASP B 11 3.94 26.46 6.29
N PRO B 12 3.38 26.31 7.50
CA PRO B 12 2.40 25.23 7.64
C PRO B 12 1.24 25.33 6.66
N PHE B 13 0.80 24.20 6.15
CA PHE B 13 -0.34 24.23 5.29
C PHE B 13 -1.63 24.11 6.11
N GLY B 14 -2.27 25.25 6.32
CA GLY B 14 -3.57 25.34 6.95
C GLY B 14 -3.70 24.51 8.20
N GLY B 15 -4.05 23.23 7.99
CA GLY B 15 -4.29 22.29 9.08
C GLY B 15 -3.13 22.18 10.05
N GLU B 16 -1.97 21.76 9.54
CA GLU B 16 -0.78 21.56 10.38
C GLU B 16 -0.36 22.82 11.17
N ALA B 17 0.21 22.62 12.35
CA ALA B 17 0.73 23.72 13.16
C ALA B 17 2.20 24.02 12.83
N ILE B 18 2.87 23.04 12.22
CA ILE B 18 4.22 23.23 11.75
C ILE B 18 4.36 22.71 10.34
N ASN B 19 5.39 23.17 9.62
CA ASN B 19 5.81 22.44 8.42
C ASN B 19 7.15 21.77 8.68
N PRO B 20 7.17 20.45 8.60
CA PRO B 20 8.35 19.64 8.83
C PRO B 20 9.52 20.07 7.96
N SER B 21 9.25 20.32 6.68
CA SER B 21 10.29 20.72 5.76
C SER B 21 11.05 21.93 6.29
N TRP B 22 10.32 22.88 6.87
CA TRP B 22 10.93 24.04 7.50
C TRP B 22 11.74 23.63 8.72
N GLU B 23 11.09 22.88 9.60
CA GLU B 23 11.71 22.38 10.81
C GLU B 23 12.99 21.62 10.53
N ALA B 24 13.03 20.92 9.39
CA ALA B 24 14.15 20.04 9.07
C ALA B 24 15.36 20.80 8.60
N ILE B 25 15.11 21.90 7.89
CA ILE B 25 16.20 22.68 7.35
C ILE B 25 16.67 23.78 8.32
N LYS B 26 15.81 24.18 9.25
CA LYS B 26 16.19 25.17 10.29
C LYS B 26 17.59 24.92 10.92
N PRO B 27 17.90 23.66 11.29
CA PRO B 27 19.26 23.42 11.80
C PRO B 27 20.40 23.71 10.81
N LEU B 28 20.12 23.77 9.50
CA LEU B 28 21.15 24.02 8.49
C LEU B 28 21.53 25.52 8.39
N GLN B 29 20.74 26.38 9.02
CA GLN B 29 20.92 27.83 8.86
C GLN B 29 22.35 28.25 9.22
N GLY B 30 23.02 28.88 8.26
CA GLY B 30 24.33 29.45 8.50
C GLY B 30 25.49 28.46 8.54
N SER B 31 25.21 27.21 8.21
CA SER B 31 26.26 26.19 8.28
C SER B 31 27.09 26.20 7.01
N GLN B 32 28.33 25.71 7.11
CA GLN B 32 29.25 25.72 5.98
C GLN B 32 29.41 24.32 5.42
N VAL B 33 29.35 24.19 4.10
CA VAL B 33 29.65 22.93 3.43
C VAL B 33 30.63 23.14 2.28
N PHE B 34 31.79 22.48 2.36
CA PHE B 34 32.87 22.61 1.39
C PHE B 34 33.02 24.00 0.77
N GLY B 35 33.04 25.00 1.64
CA GLY B 35 33.27 26.37 1.22
C GLY B 35 32.07 27.16 0.71
N ALA B 36 30.87 26.65 0.92
CA ALA B 36 29.69 27.42 0.64
C ALA B 36 28.90 27.46 1.92
N ASN B 37 28.31 28.62 2.22
CA ASN B 37 27.43 28.69 3.37
C ASN B 37 25.99 28.48 2.92
N ILE B 38 25.22 27.76 3.73
CA ILE B 38 23.82 27.54 3.46
C ILE B 38 22.92 28.67 4.00
N GLU B 39 22.11 29.23 3.11
CA GLU B 39 21.03 30.14 3.49
C GLU B 39 19.68 29.44 3.39
N ILE B 40 18.80 29.72 4.33
CA ILE B 40 17.46 29.17 4.27
C ILE B 40 16.45 30.29 4.19
N CYS B 41 15.22 29.95 3.83
CA CYS B 41 14.18 30.94 3.64
C CYS B 41 12.85 30.21 3.49
N GLN B 42 11.83 30.74 4.13
CA GLN B 42 10.55 30.05 4.15
C GLN B 42 9.56 30.73 3.23
N ILE B 43 8.87 29.95 2.38
CA ILE B 43 7.91 30.56 1.46
C ILE B 43 6.46 30.14 1.70
N PRO B 44 5.51 31.04 1.40
CA PRO B 44 4.11 30.71 1.67
C PRO B 44 3.62 29.59 0.79
N CYS B 45 2.70 28.80 1.33
CA CYS B 45 2.11 27.71 0.60
C CYS B 45 0.91 28.27 -0.15
N ILE B 46 1.19 29.13 -1.12
CA ILE B 46 0.15 29.77 -1.92
C ILE B 46 0.64 29.84 -3.36
N PHE B 47 -0.19 29.46 -4.33
CA PHE B 47 0.18 29.61 -5.73
C PHE B 47 0.55 31.03 -6.10
N ASP B 48 1.57 31.14 -6.95
CA ASP B 48 2.01 32.43 -7.51
C ASP B 48 2.67 33.37 -6.49
N THR B 49 2.00 33.58 -5.36
CA THR B 49 2.63 34.28 -4.26
C THR B 49 3.89 33.53 -3.82
N SER B 50 3.86 32.21 -3.88
CA SER B 50 5.03 31.41 -3.56
C SER B 50 6.22 31.74 -4.45
N LEU B 51 6.01 31.79 -5.76
CA LEU B 51 7.09 32.12 -6.69
C LEU B 51 7.67 33.52 -6.47
N GLU B 52 6.81 34.47 -6.08
CA GLU B 52 7.25 35.82 -5.83
C GLU B 52 8.29 35.81 -4.73
N HIS B 53 7.93 35.16 -3.64
CA HIS B 53 8.86 35.03 -2.52
C HIS B 53 10.13 34.32 -2.92
N LEU B 54 9.99 33.26 -3.72
CA LEU B 54 11.13 32.49 -4.17
C LEU B 54 12.07 33.36 -5.01
N TYR B 55 11.51 34.00 -6.03
CA TYR B 55 12.30 34.88 -6.87
C TYR B 55 13.06 35.92 -6.05
N ALA B 56 12.43 36.48 -5.02
CA ALA B 56 13.09 37.51 -4.24
C ALA B 56 14.32 36.91 -3.58
N ALA B 57 14.16 35.70 -3.05
CA ALA B 57 15.25 35.01 -2.38
C ALA B 57 16.44 34.65 -3.30
N VAL B 58 16.14 34.14 -4.50
CA VAL B 58 17.18 33.82 -5.47
C VAL B 58 17.88 35.10 -5.91
N ASP B 59 17.11 36.17 -5.95
CA ASP B 59 17.60 37.48 -6.34
C ASP B 59 18.56 38.03 -5.29
N LYS B 60 18.12 38.04 -4.02
CA LYS B 60 18.94 38.58 -2.94
C LYS B 60 20.23 37.80 -2.71
N TYR B 61 20.14 36.47 -2.75
CA TYR B 61 21.27 35.63 -2.31
C TYR B 61 22.23 35.26 -3.42
N GLN B 62 21.77 35.38 -4.66
CA GLN B 62 22.52 34.98 -5.85
C GLN B 62 23.26 33.65 -5.65
N PRO B 63 22.51 32.55 -5.45
CA PRO B 63 23.10 31.29 -5.00
C PRO B 63 23.70 30.48 -6.14
N GLU B 64 24.67 29.63 -5.83
CA GLU B 64 25.26 28.76 -6.84
C GLU B 64 24.44 27.47 -6.99
N LEU B 65 23.73 27.12 -5.92
CA LEU B 65 22.87 25.95 -5.88
C LEU B 65 21.57 26.32 -5.18
N VAL B 66 20.43 25.91 -5.73
CA VAL B 66 19.14 26.11 -5.05
C VAL B 66 18.38 24.80 -4.91
N ILE B 67 17.99 24.48 -3.69
CA ILE B 67 17.26 23.25 -3.42
C ILE B 67 16.01 23.55 -2.60
N SER B 68 14.85 23.26 -3.18
CA SER B 68 13.60 23.44 -2.46
C SER B 68 13.11 22.14 -1.85
N VAL B 69 12.48 22.26 -0.69
CA VAL B 69 12.03 21.10 0.04
C VAL B 69 10.56 21.21 0.33
N GLY B 70 9.86 20.09 0.17
CA GLY B 70 8.45 20.06 0.50
C GLY B 70 8.10 18.80 1.24
N GLN B 71 6.84 18.68 1.62
CA GLN B 71 6.38 17.49 2.30
C GLN B 71 5.47 16.68 1.42
N ALA B 72 5.74 15.38 1.34
CA ALA B 72 4.90 14.44 0.61
C ALA B 72 4.37 13.36 1.57
N GLY B 73 3.31 13.72 2.30
CA GLY B 73 2.67 12.79 3.22
C GLY B 73 2.33 11.46 2.57
N GLY B 74 2.72 10.37 3.20
CA GLY B 74 2.38 9.08 2.65
C GLY B 74 3.57 8.35 2.07
N ARG B 75 4.53 9.09 1.53
CA ARG B 75 5.72 8.46 0.96
C ARG B 75 6.58 7.89 2.08
N THR B 76 7.30 6.79 1.79
CA THR B 76 7.98 6.04 2.84
C THR B 76 9.36 6.59 3.13
N ASN B 77 9.88 7.40 2.22
CA ASN B 77 11.29 7.72 2.23
C ASN B 77 11.60 9.14 1.72
N ILE B 78 12.87 9.50 1.66
CA ILE B 78 13.27 10.79 1.10
C ILE B 78 13.24 10.68 -0.41
N THR B 79 12.55 11.59 -1.09
CA THR B 79 12.49 11.50 -2.55
C THR B 79 13.01 12.74 -3.26
N VAL B 80 13.87 12.50 -4.25
CA VAL B 80 14.46 13.57 -5.03
C VAL B 80 13.78 13.64 -6.39
N GLU B 81 13.22 14.79 -6.70
CA GLU B 81 12.39 14.93 -7.88
C GLU B 81 13.19 14.96 -9.17
N ARG B 82 12.69 14.28 -10.19
CA ARG B 82 13.33 14.27 -11.50
C ARG B 82 12.86 15.42 -12.39
N VAL B 83 11.59 15.81 -12.25
CA VAL B 83 11.00 16.68 -13.23
C VAL B 83 9.87 17.55 -12.68
N ALA B 84 9.81 18.79 -13.13
CA ALA B 84 8.71 19.66 -12.77
C ALA B 84 7.85 19.92 -14.01
N ILE B 85 6.54 19.96 -13.81
CA ILE B 85 5.56 20.03 -14.90
CA ILE B 85 5.59 20.06 -14.92
C ILE B 85 4.79 21.34 -14.87
N ASN B 86 4.55 21.92 -16.04
CA ASN B 86 3.91 23.22 -16.15
C ASN B 86 2.39 23.18 -15.88
N ILE B 87 2.00 22.76 -14.68
CA ILE B 87 0.57 22.59 -14.44
C ILE B 87 0.18 22.76 -12.97
N ASN B 88 -0.80 23.61 -12.72
CA ASN B 88 -1.43 23.69 -11.42
C ASN B 88 -2.73 22.89 -11.49
N ASP B 89 -2.89 21.91 -10.62
CA ASP B 89 -4.17 21.21 -10.51
C ASP B 89 -4.42 20.79 -9.07
N ALA B 90 -5.33 21.47 -8.38
CA ALA B 90 -5.36 21.37 -6.94
C ALA B 90 -6.54 20.59 -6.38
N ARG B 91 -6.23 19.55 -5.61
CA ARG B 91 -7.23 18.76 -4.93
C ARG B 91 -7.99 19.61 -3.91
N ILE B 92 -7.24 20.35 -3.10
CA ILE B 92 -7.80 21.21 -2.07
C ILE B 92 -7.30 22.64 -2.28
N PRO B 93 -7.83 23.61 -1.55
CA PRO B 93 -7.29 24.96 -1.82
C PRO B 93 -5.98 25.25 -1.09
N ASP B 94 -5.23 26.24 -1.56
CA ASP B 94 -3.99 26.63 -0.90
C ASP B 94 -4.30 27.49 0.32
N ASN B 95 -3.26 28.10 0.91
CA ASN B 95 -3.44 28.89 2.12
C ASN B 95 -4.25 30.16 1.96
N ALA B 96 -4.38 30.63 0.72
CA ALA B 96 -5.13 31.85 0.45
C ALA B 96 -6.44 31.54 -0.27
N GLY B 97 -6.84 30.27 -0.26
CA GLY B 97 -8.13 29.87 -0.81
C GLY B 97 -8.20 29.59 -2.31
N ASN B 98 -7.07 29.76 -3.00
CA ASN B 98 -6.96 29.40 -4.42
C ASN B 98 -7.01 27.91 -4.62
N GLN B 99 -7.75 27.48 -5.63
CA GLN B 99 -7.77 26.09 -6.05
C GLN B 99 -7.82 26.08 -7.58
N PRO B 100 -6.67 26.32 -8.24
CA PRO B 100 -6.64 26.30 -9.71
C PRO B 100 -6.82 24.89 -10.28
N ILE B 101 -7.53 24.79 -11.40
CA ILE B 101 -7.74 23.51 -12.08
C ILE B 101 -7.10 23.53 -13.47
N ASP B 102 -6.02 22.76 -13.67
CA ASP B 102 -5.40 22.62 -15.00
C ASP B 102 -5.03 23.95 -15.69
N THR B 103 -4.33 24.81 -14.96
CA THR B 103 -3.84 26.06 -15.51
C THR B 103 -2.32 25.99 -15.43
N PRO B 104 -1.61 26.73 -16.30
CA PRO B 104 -0.16 26.61 -16.37
C PRO B 104 0.51 27.34 -15.24
N VAL B 105 1.63 26.80 -14.76
CA VAL B 105 2.46 27.52 -13.82
C VAL B 105 2.94 28.80 -14.49
N ILE B 106 3.48 28.67 -15.68
CA ILE B 106 3.87 29.84 -16.45
C ILE B 106 3.36 29.75 -17.88
N VAL B 107 2.58 30.74 -18.29
CA VAL B 107 1.93 30.72 -19.59
C VAL B 107 2.96 30.78 -20.70
N ASP B 108 2.85 29.85 -21.64
CA ASP B 108 3.75 29.77 -22.77
C ASP B 108 5.15 29.27 -22.39
N GLY B 109 5.30 28.85 -21.14
CA GLY B 109 6.52 28.20 -20.73
C GLY B 109 6.51 26.78 -21.27
N PRO B 110 7.70 26.16 -21.36
CA PRO B 110 7.84 24.76 -21.77
C PRO B 110 7.04 23.79 -20.89
N ALA B 111 6.74 22.61 -21.42
CA ALA B 111 5.98 21.58 -20.71
C ALA B 111 6.61 21.15 -19.39
N ALA B 112 7.93 21.13 -19.33
CA ALA B 112 8.61 20.66 -18.12
C ALA B 112 10.06 21.13 -18.05
N TYR B 113 10.66 21.01 -16.86
CA TYR B 113 12.10 21.17 -16.70
C TYR B 113 12.63 19.99 -15.92
N PHE B 114 13.73 19.42 -16.36
CA PHE B 114 14.41 18.42 -15.54
C PHE B 114 15.18 19.16 -14.47
N SER B 115 15.16 18.63 -13.26
CA SER B 115 16.09 19.05 -12.22
C SER B 115 17.52 18.93 -12.77
N ARG B 116 18.38 19.86 -12.36
CA ARG B 116 19.77 19.87 -12.81
C ARG B 116 20.65 19.21 -11.76
N LEU B 117 20.04 18.85 -10.63
CA LEU B 117 20.79 18.29 -9.52
C LEU B 117 21.32 16.91 -9.87
N PRO B 118 22.39 16.48 -9.19
CA PRO B 118 22.90 15.15 -9.45
C PRO B 118 22.07 14.10 -8.68
N ILE B 119 20.86 13.85 -9.18
CA ILE B 119 19.88 13.10 -8.39
C ILE B 119 20.24 11.65 -8.01
N LYS B 120 20.76 10.87 -8.95
CA LYS B 120 21.13 9.48 -8.67
C LYS B 120 22.25 9.39 -7.63
N THR B 121 23.18 10.34 -7.63
CA THR B 121 24.29 10.35 -6.69
C THR B 121 23.77 10.67 -5.30
N MSE B 122 22.83 11.61 -5.24
CA MSE B 122 22.17 11.95 -3.99
C MSE B 122 21.43 10.75 -3.39
O MSE B 122 21.62 10.42 -2.21
CB MSE B 122 21.23 13.14 -4.16
CG MSE B 122 21.96 14.42 -4.54
SE MSE B 122 20.81 15.74 -5.42
CE MSE B 122 19.68 16.24 -3.92
N VAL B 123 20.62 10.10 -4.21
CA VAL B 123 19.90 8.91 -3.78
C VAL B 123 20.91 7.83 -3.38
N ASN B 124 21.94 7.64 -4.20
CA ASN B 124 23.02 6.74 -3.84
C ASN B 124 23.69 7.08 -2.51
N ALA B 125 24.02 8.36 -2.31
CA ALA B 125 24.66 8.74 -1.05
C ALA B 125 23.77 8.39 0.13
N LEU B 126 22.49 8.67 0.00
CA LEU B 126 21.52 8.45 1.06
C LEU B 126 21.41 6.98 1.41
N ASN B 127 21.14 6.15 0.40
CA ASN B 127 21.09 4.70 0.59
C ASN B 127 22.33 4.17 1.30
N THR B 128 23.50 4.59 0.86
CA THR B 128 24.75 4.15 1.47
C THR B 128 24.84 4.55 2.94
N ALA B 129 24.36 5.76 3.26
CA ALA B 129 24.34 6.22 4.64
C ALA B 129 23.29 5.49 5.46
N GLY B 130 22.53 4.60 4.84
CA GLY B 130 21.51 3.84 5.52
C GLY B 130 20.17 4.55 5.59
N ILE B 131 19.99 5.57 4.75
CA ILE B 131 18.72 6.27 4.66
C ILE B 131 17.96 5.93 3.38
N PRO B 132 16.72 5.43 3.51
CA PRO B 132 15.85 5.08 2.39
C PRO B 132 15.54 6.29 1.52
N ALA B 133 15.77 6.16 0.23
CA ALA B 133 15.64 7.31 -0.63
C ALA B 133 15.43 6.82 -2.05
N SER B 134 14.74 7.61 -2.87
CA SER B 134 14.55 7.23 -4.24
C SER B 134 14.24 8.42 -5.13
N VAL B 135 14.42 8.22 -6.44
CA VAL B 135 14.05 9.22 -7.41
C VAL B 135 12.56 9.15 -7.69
N SER B 136 11.92 10.30 -7.72
CA SER B 136 10.51 10.40 -8.07
C SER B 136 10.34 11.07 -9.44
N GLN B 137 9.36 10.61 -10.22
CA GLN B 137 9.04 11.24 -11.50
C GLN B 137 7.87 12.23 -11.44
N THR B 138 7.33 12.46 -10.26
CA THR B 138 6.27 13.46 -10.13
C THR B 138 6.32 14.21 -8.81
N ALA B 139 6.33 15.53 -8.93
CA ALA B 139 6.36 16.35 -7.74
C ALA B 139 4.94 16.68 -7.34
N GLY B 140 3.99 16.13 -8.10
CA GLY B 140 2.58 16.41 -7.87
C GLY B 140 2.11 17.58 -8.71
N THR B 141 0.94 18.13 -8.42
CA THR B 141 0.48 19.30 -9.18
C THR B 141 -0.04 20.39 -8.24
N PHE B 142 0.43 20.32 -6.99
CA PHE B 142 0.08 21.32 -6.00
C PHE B 142 1.18 22.37 -5.94
N VAL B 143 1.29 23.06 -4.80
CA VAL B 143 2.27 24.12 -4.64
C VAL B 143 3.72 23.65 -4.78
N CYS B 144 4.03 22.46 -4.26
CA CYS B 144 5.40 21.94 -4.36
C CYS B 144 5.91 21.90 -5.81
N ASN B 145 5.10 21.37 -6.73
CA ASN B 145 5.53 21.25 -8.12
C ASN B 145 5.58 22.60 -8.80
N HIS B 146 4.60 23.43 -8.46
CA HIS B 146 4.49 24.83 -8.88
C HIS B 146 5.78 25.59 -8.58
N VAL B 147 6.30 25.42 -7.35
CA VAL B 147 7.52 26.10 -6.97
C VAL B 147 8.73 25.49 -7.68
N MSE B 148 8.74 24.17 -7.84
CA MSE B 148 9.85 23.52 -8.55
C MSE B 148 9.91 23.98 -10.00
O MSE B 148 11.00 24.29 -10.50
CB MSE B 148 9.75 22.01 -8.49
CG MSE B 148 10.98 21.30 -9.04
SE MSE B 148 10.67 19.39 -9.29
CE MSE B 148 12.38 18.96 -10.12
N TYR B 149 8.75 24.02 -10.66
CA TYR B 149 8.71 24.51 -12.03
C TYR B 149 9.17 25.98 -12.11
N GLY B 150 8.67 26.82 -11.20
CA GLY B 150 9.07 28.20 -11.20
C GLY B 150 10.58 28.35 -11.02
N LEU B 151 11.12 27.65 -10.04
CA LEU B 151 12.55 27.70 -9.79
C LEU B 151 13.35 27.39 -11.05
N LEU B 152 13.05 26.24 -11.66
CA LEU B 152 13.83 25.78 -12.81
C LEU B 152 13.71 26.68 -14.02
N HIS B 153 12.53 27.26 -14.19
CA HIS B 153 12.31 28.23 -15.25
C HIS B 153 13.07 29.55 -15.01
N TYR B 154 13.01 30.04 -13.78
CA TYR B 154 13.69 31.28 -13.43
C TYR B 154 15.20 31.15 -13.59
N LEU B 155 15.77 30.04 -13.13
CA LEU B 155 17.18 29.80 -13.33
C LEU B 155 17.51 29.68 -14.83
N ALA B 156 16.60 29.12 -15.60
CA ALA B 156 16.89 28.92 -17.00
C ALA B 156 16.82 30.24 -17.79
N GLN B 157 15.94 31.14 -17.36
CA GLN B 157 15.83 32.45 -17.98
C GLN B 157 16.95 33.39 -17.55
N ASN B 158 17.27 33.39 -16.27
CA ASN B 158 18.21 34.37 -15.75
C ASN B 158 19.65 33.89 -15.56
N THR B 159 19.86 32.77 -14.88
CA THR B 159 21.23 32.33 -14.61
C THR B 159 21.43 30.83 -14.87
N PRO B 160 21.62 30.45 -16.14
CA PRO B 160 21.52 29.06 -16.57
C PRO B 160 22.58 28.13 -16.03
N SER B 161 23.69 28.65 -15.51
CA SER B 161 24.72 27.78 -14.94
C SER B 161 24.31 27.25 -13.55
N VAL B 162 23.39 27.97 -12.92
CA VAL B 162 22.94 27.61 -11.57
C VAL B 162 21.98 26.41 -11.54
N ARG B 163 22.31 25.43 -10.69
CA ARG B 163 21.56 24.19 -10.63
C ARG B 163 20.44 24.22 -9.58
N GLY B 164 19.26 23.75 -9.99
CA GLY B 164 18.10 23.71 -9.11
C GLY B 164 17.43 22.34 -9.01
N GLY B 165 16.75 22.10 -7.90
CA GLY B 165 16.06 20.85 -7.72
C GLY B 165 15.16 20.79 -6.51
N PHE B 166 14.55 19.64 -6.28
CA PHE B 166 13.53 19.51 -5.26
C PHE B 166 13.67 18.21 -4.51
N ILE B 167 13.45 18.27 -3.20
CA ILE B 167 13.45 17.10 -2.36
C ILE B 167 12.17 17.06 -1.51
N HIS B 168 11.46 15.93 -1.53
CA HIS B 168 10.27 15.74 -0.70
C HIS B 168 10.59 14.88 0.50
N VAL B 169 10.17 15.34 1.68
CA VAL B 169 10.33 14.54 2.89
C VAL B 169 8.97 13.96 3.22
N PRO B 170 8.95 12.82 3.91
CA PRO B 170 7.69 12.21 4.35
C PRO B 170 7.08 12.90 5.59
N TYR B 171 5.98 12.33 6.09
CA TYR B 171 5.37 12.79 7.35
C TYR B 171 6.31 12.65 8.56
N LEU B 172 6.24 13.59 9.50
CA LEU B 172 6.82 13.38 10.82
C LEU B 172 5.96 12.36 11.56
N PRO B 173 6.54 11.65 12.54
CA PRO B 173 5.70 10.72 13.30
C PRO B 173 4.45 11.35 13.93
N GLU B 174 4.55 12.54 14.50
CA GLU B 174 3.36 13.19 15.08
C GLU B 174 2.23 13.37 14.05
N GLN B 175 2.57 13.60 12.79
CA GLN B 175 1.56 13.75 11.75
C GLN B 175 0.93 12.41 11.36
N ALA B 176 1.74 11.37 11.31
CA ALA B 176 1.23 10.05 10.94
C ALA B 176 0.32 9.45 12.00
N VAL B 177 0.34 10.03 13.19
CA VAL B 177 -0.52 9.56 14.27
C VAL B 177 -1.96 9.83 13.88
N LYS B 178 -2.18 10.99 13.26
CA LYS B 178 -3.51 11.44 12.84
C LYS B 178 -4.05 10.57 11.73
N ASP B 179 -3.45 10.71 10.55
CA ASP B 179 -3.67 9.82 9.42
C ASP B 179 -3.90 8.33 9.79
N GLY B 180 -3.08 7.81 10.70
CA GLY B 180 -3.21 6.44 11.15
C GLY B 180 -2.10 5.57 10.57
N ASN B 181 -2.46 4.79 9.55
CA ASN B 181 -1.51 3.87 8.94
C ASN B 181 -0.57 4.52 7.92
N GLN B 182 0.15 5.56 8.34
CA GLN B 182 0.93 6.31 7.38
C GLN B 182 2.39 6.31 7.75
N SER B 183 3.22 6.16 6.74
CA SER B 183 4.64 6.13 6.95
C SER B 183 5.14 7.48 7.46
N SER B 184 6.22 7.43 8.22
CA SER B 184 6.86 8.64 8.72
C SER B 184 8.37 8.48 8.84
N MSE B 185 9.02 9.57 9.22
CA MSE B 185 10.43 9.61 9.46
C MSE B 185 10.68 10.67 10.54
O MSE B 185 10.08 11.73 10.49
CB MSE B 185 11.13 9.98 8.16
CG MSE B 185 12.62 9.86 8.17
SE MSE B 185 13.35 10.18 6.39
CE MSE B 185 12.91 8.45 5.56
N THR B 186 11.53 10.39 11.53
CA THR B 186 11.80 11.38 12.58
C THR B 186 12.41 12.70 12.04
N LEU B 187 12.19 13.80 12.77
CA LEU B 187 12.74 15.10 12.39
C LEU B 187 14.24 14.99 12.22
N MSE B 188 14.86 14.32 13.18
CA MSE B 188 16.30 14.17 13.22
C MSE B 188 16.89 13.50 11.97
O MSE B 188 17.87 13.98 11.40
CB MSE B 188 16.71 13.37 14.44
CG MSE B 188 18.15 13.55 14.76
SE MSE B 188 18.49 13.07 16.60
CE MSE B 188 18.66 11.14 16.35
N LEU B 189 16.28 12.39 11.57
CA LEU B 189 16.76 11.68 10.40
C LEU B 189 16.57 12.53 9.16
N MSE B 190 15.46 13.26 9.13
CA MSE B 190 15.12 14.12 8.02
C MSE B 190 16.20 15.17 7.82
O MSE B 190 16.71 15.36 6.72
CB MSE B 190 13.82 14.80 8.34
CG MSE B 190 12.84 14.87 7.24
SE MSE B 190 11.13 15.43 7.98
CE MSE B 190 11.08 17.22 7.30
N THR B 191 16.55 15.86 8.91
CA THR B 191 17.59 16.87 8.89
C THR B 191 18.92 16.31 8.41
N LEU B 192 19.26 15.10 8.86
CA LEU B 192 20.45 14.39 8.39
C LEU B 192 20.40 14.02 6.90
N ALA B 193 19.26 13.54 6.44
CA ALA B 193 19.10 13.21 5.04
C ALA B 193 19.31 14.42 4.13
N LEU B 194 18.78 15.58 4.54
CA LEU B 194 18.85 16.79 3.72
C LEU B 194 20.28 17.27 3.67
N LYS B 195 20.94 17.23 4.83
CA LYS B 195 22.34 17.58 4.93
C LYS B 195 23.20 16.71 4.00
N ILE B 196 22.99 15.40 4.03
CA ILE B 196 23.75 14.52 3.15
C ILE B 196 23.45 14.84 1.69
N ALA B 197 22.19 15.06 1.37
CA ALA B 197 21.78 15.34 -0.01
C ALA B 197 22.39 16.64 -0.51
N ILE B 198 22.44 17.65 0.35
CA ILE B 198 22.94 18.98 -0.04
C ILE B 198 24.46 18.99 -0.22
N GLU B 199 25.18 18.23 0.59
CA GLU B 199 26.62 18.14 0.42
C GLU B 199 26.86 17.44 -0.90
N THR B 200 26.10 16.38 -1.15
CA THR B 200 26.33 15.58 -2.33
C THR B 200 25.99 16.39 -3.57
N ALA B 201 25.01 17.28 -3.43
CA ALA B 201 24.62 18.07 -4.57
C ALA B 201 25.77 19.04 -4.85
N TRP B 202 26.33 19.57 -3.77
CA TRP B 202 27.41 20.52 -3.89
C TRP B 202 28.67 19.95 -4.52
N LYS B 203 29.21 18.86 -3.97
CA LYS B 203 30.46 18.26 -4.47
C LYS B 203 30.44 18.03 -5.96
N ASN B 204 29.42 17.32 -6.41
CA ASN B 204 29.30 16.91 -7.79
C ASN B 204 28.49 17.91 -8.61
N THR B 205 28.15 17.49 -9.82
CA THR B 205 27.34 18.28 -10.74
C THR B 205 26.51 17.32 -11.60
N SER B 206 27.17 16.25 -12.05
CA SER B 206 26.61 15.34 -13.05
C SER B 206 26.36 13.94 -12.49
N LYS C 3 -11.52 7.40 -41.91
CA LYS C 3 -11.45 8.06 -40.61
C LYS C 3 -11.08 7.08 -39.50
N THR C 4 -9.83 7.12 -39.03
CA THR C 4 -9.33 6.04 -38.16
C THR C 4 -8.75 6.44 -36.77
N ILE C 5 -9.21 5.75 -35.74
CA ILE C 5 -8.58 5.79 -34.42
C ILE C 5 -7.58 4.65 -34.32
N LEU C 6 -6.30 5.00 -34.26
CA LEU C 6 -5.24 4.02 -34.07
C LEU C 6 -5.13 3.77 -32.56
N VAL C 7 -5.10 2.51 -32.16
CA VAL C 7 -4.94 2.16 -30.74
C VAL C 7 -3.89 1.07 -30.64
N THR C 8 -2.88 1.29 -29.80
CA THR C 8 -1.76 0.37 -29.75
C THR C 8 -1.60 -0.27 -28.39
N ALA C 9 -0.95 -1.43 -28.39
CA ALA C 9 -0.59 -2.15 -27.18
C ALA C 9 0.76 -2.87 -27.38
N PHE C 10 1.27 -3.50 -26.33
CA PHE C 10 2.59 -4.13 -26.41
C PHE C 10 2.48 -5.63 -26.49
N ASP C 11 3.55 -6.30 -26.93
CA ASP C 11 3.58 -7.76 -26.88
C ASP C 11 3.98 -8.20 -25.48
N PRO C 12 3.88 -9.50 -25.17
CA PRO C 12 4.15 -9.84 -23.77
C PRO C 12 5.56 -9.47 -23.39
N PHE C 13 5.74 -9.05 -22.16
CA PHE C 13 7.04 -8.65 -21.71
C PHE C 13 7.80 -9.84 -21.16
N GLY C 14 8.82 -10.26 -21.93
CA GLY C 14 9.79 -11.29 -21.56
C GLY C 14 9.25 -12.43 -20.72
N GLY C 15 9.10 -12.16 -19.42
CA GLY C 15 8.57 -13.12 -18.48
C GLY C 15 7.12 -13.47 -18.78
N GLU C 16 6.26 -12.48 -18.81
CA GLU C 16 4.82 -12.67 -19.03
C GLU C 16 4.50 -13.50 -20.29
N ALA C 17 3.36 -14.20 -20.24
CA ALA C 17 2.92 -15.07 -21.34
C ALA C 17 1.97 -14.31 -22.26
N ILE C 18 1.27 -13.35 -21.70
CA ILE C 18 0.44 -12.43 -22.47
C ILE C 18 0.68 -11.03 -22.00
N ASN C 19 0.12 -10.09 -22.72
CA ASN C 19 0.14 -8.71 -22.29
C ASN C 19 -1.30 -8.27 -22.24
N PRO C 20 -1.78 -7.96 -21.05
CA PRO C 20 -3.16 -7.55 -20.87
C PRO C 20 -3.54 -6.37 -21.77
N SER C 21 -2.61 -5.48 -22.05
CA SER C 21 -2.97 -4.31 -22.85
C SER C 21 -3.45 -4.72 -24.25
N TRP C 22 -2.77 -5.73 -24.81
CA TRP C 22 -3.13 -6.27 -26.12
C TRP C 22 -4.44 -7.06 -26.02
N GLU C 23 -4.56 -7.89 -25.00
CA GLU C 23 -5.73 -8.73 -24.88
C GLU C 23 -7.02 -7.90 -24.78
N ALA C 24 -6.93 -6.73 -24.15
CA ALA C 24 -8.13 -5.90 -23.96
C ALA C 24 -8.56 -5.04 -25.13
N ILE C 25 -7.65 -4.78 -26.08
CA ILE C 25 -8.03 -4.00 -27.24
C ILE C 25 -8.35 -4.87 -28.46
N LYS C 26 -8.02 -6.16 -28.39
CA LYS C 26 -8.38 -7.10 -29.47
C LYS C 26 -9.85 -7.04 -29.85
N PRO C 27 -10.76 -7.12 -28.88
CA PRO C 27 -12.18 -7.04 -29.28
C PRO C 27 -12.57 -5.73 -30.01
N LEU C 28 -11.72 -4.71 -29.97
CA LEU C 28 -12.08 -3.40 -30.51
C LEU C 28 -11.79 -3.28 -32.00
N GLN C 29 -11.07 -4.26 -32.54
CA GLN C 29 -10.62 -4.17 -33.92
C GLN C 29 -11.77 -3.96 -34.88
N GLY C 30 -11.70 -2.87 -35.64
CA GLY C 30 -12.71 -2.57 -36.64
C GLY C 30 -14.07 -2.20 -36.07
N SER C 31 -14.17 -2.11 -34.76
CA SER C 31 -15.39 -1.60 -34.15
C SER C 31 -15.49 -0.11 -34.48
N GLN C 32 -16.71 0.37 -34.72
CA GLN C 32 -16.90 1.77 -35.04
C GLN C 32 -17.34 2.58 -33.84
N VAL C 33 -16.81 3.79 -33.75
CA VAL C 33 -17.17 4.71 -32.69
C VAL C 33 -17.45 6.05 -33.36
N PHE C 34 -18.71 6.46 -33.35
CA PHE C 34 -19.13 7.75 -33.90
C PHE C 34 -18.62 8.05 -35.32
N GLY C 35 -18.68 7.06 -36.20
CA GLY C 35 -18.31 7.28 -37.59
C GLY C 35 -16.82 7.26 -37.82
N ALA C 36 -16.07 6.87 -36.80
CA ALA C 36 -14.67 6.52 -36.96
C ALA C 36 -14.54 5.01 -36.74
N ASN C 37 -13.45 4.44 -37.23
CA ASN C 37 -13.22 3.02 -37.03
C ASN C 37 -11.94 2.79 -36.24
N ILE C 38 -11.95 1.78 -35.38
CA ILE C 38 -10.79 1.51 -34.56
C ILE C 38 -9.83 0.54 -35.25
N GLU C 39 -8.58 0.95 -35.40
CA GLU C 39 -7.53 0.04 -35.83
C GLU C 39 -6.61 -0.25 -34.66
N ILE C 40 -6.30 -1.52 -34.44
CA ILE C 40 -5.32 -1.86 -33.42
C ILE C 40 -4.00 -2.32 -34.02
N CYS C 41 -2.95 -2.29 -33.22
CA CYS C 41 -1.63 -2.71 -33.65
C CYS C 41 -0.79 -3.00 -32.41
N GLN C 42 -0.21 -4.19 -32.39
CA GLN C 42 0.70 -4.58 -31.33
C GLN C 42 2.13 -4.14 -31.70
N ILE C 43 2.87 -3.58 -30.75
CA ILE C 43 4.25 -3.16 -31.00
C ILE C 43 5.23 -3.80 -30.00
N PRO C 44 6.50 -3.93 -30.39
CA PRO C 44 7.42 -4.60 -29.47
C PRO C 44 7.74 -3.80 -28.23
N CYS C 45 8.05 -4.52 -27.15
CA CYS C 45 8.49 -3.91 -25.91
C CYS C 45 10.00 -3.80 -25.96
N ILE C 46 10.48 -3.06 -26.93
CA ILE C 46 11.89 -2.78 -27.09
C ILE C 46 12.03 -1.28 -27.31
N PHE C 47 13.03 -0.67 -26.69
CA PHE C 47 13.28 0.74 -26.91
C PHE C 47 13.67 0.95 -28.37
N ASP C 48 13.23 2.09 -28.92
CA ASP C 48 13.53 2.51 -30.30
C ASP C 48 12.80 1.71 -31.38
N THR C 49 13.00 0.39 -31.38
CA THR C 49 12.31 -0.46 -32.34
C THR C 49 10.81 -0.25 -32.25
N SER C 50 10.33 -0.01 -31.03
CA SER C 50 8.91 0.28 -30.80
C SER C 50 8.49 1.55 -31.53
N LEU C 51 9.29 2.60 -31.40
CA LEU C 51 9.01 3.85 -32.11
C LEU C 51 8.90 3.64 -33.63
N GLU C 52 9.82 2.87 -34.21
CA GLU C 52 9.78 2.60 -35.65
C GLU C 52 8.48 1.91 -36.07
N HIS C 53 8.05 0.90 -35.32
CA HIS C 53 6.74 0.31 -35.57
C HIS C 53 5.63 1.33 -35.44
N LEU C 54 5.67 2.11 -34.36
CA LEU C 54 4.63 3.11 -34.12
C LEU C 54 4.58 4.12 -35.23
N TYR C 55 5.73 4.69 -35.58
CA TYR C 55 5.78 5.69 -36.64
C TYR C 55 5.21 5.11 -37.94
N ALA C 56 5.48 3.84 -38.20
CA ALA C 56 4.99 3.20 -39.42
C ALA C 56 3.47 3.02 -39.43
N ALA C 57 2.90 2.70 -38.26
CA ALA C 57 1.47 2.50 -38.15
C ALA C 57 0.75 3.83 -38.31
N VAL C 58 1.37 4.90 -37.84
CA VAL C 58 0.78 6.22 -38.02
C VAL C 58 0.80 6.61 -39.49
N ASP C 59 1.89 6.26 -40.17
CA ASP C 59 2.04 6.59 -41.59
C ASP C 59 1.06 5.81 -42.45
N LYS C 60 0.89 4.52 -42.13
CA LYS C 60 -0.01 3.64 -42.85
C LYS C 60 -1.48 4.01 -42.62
N TYR C 61 -1.87 4.10 -41.36
CA TYR C 61 -3.30 4.21 -41.06
C TYR C 61 -3.81 5.66 -41.10
N GLN C 62 -2.88 6.60 -41.05
CA GLN C 62 -3.21 8.03 -41.12
C GLN C 62 -4.31 8.46 -40.14
N PRO C 63 -4.10 8.19 -38.84
CA PRO C 63 -5.15 8.27 -37.83
C PRO C 63 -5.55 9.69 -37.44
N GLU C 64 -6.81 9.89 -37.04
CA GLU C 64 -7.27 11.17 -36.50
C GLU C 64 -7.10 11.22 -34.98
N LEU C 65 -6.92 10.06 -34.37
CA LEU C 65 -6.74 9.97 -32.94
C LEU C 65 -5.84 8.76 -32.68
N VAL C 66 -4.93 8.89 -31.73
CA VAL C 66 -4.04 7.80 -31.40
C VAL C 66 -3.93 7.61 -29.90
N ILE C 67 -4.42 6.47 -29.41
CA ILE C 67 -4.25 6.16 -28.01
C ILE C 67 -3.42 4.89 -27.86
N SER C 68 -2.33 5.00 -27.10
CA SER C 68 -1.49 3.85 -26.76
C SER C 68 -1.83 3.31 -25.37
N VAL C 69 -1.87 1.99 -25.26
CA VAL C 69 -2.25 1.33 -24.02
C VAL C 69 -1.10 0.50 -23.49
N GLY C 70 -0.96 0.45 -22.17
CA GLY C 70 0.09 -0.32 -21.53
C GLY C 70 -0.31 -0.91 -20.20
N GLN C 71 0.53 -1.81 -19.72
CA GLN C 71 0.34 -2.43 -18.43
C GLN C 71 1.15 -1.72 -17.32
N ALA C 72 0.47 -1.41 -16.23
CA ALA C 72 1.10 -0.87 -15.05
C ALA C 72 0.76 -1.76 -13.84
N GLY C 73 1.43 -2.91 -13.80
CA GLY C 73 1.24 -3.89 -12.75
C GLY C 73 1.33 -3.19 -11.42
N GLY C 74 0.35 -3.45 -10.56
CA GLY C 74 0.32 -2.88 -9.24
C GLY C 74 -0.70 -1.77 -9.07
N ARG C 75 -1.06 -1.10 -10.16
CA ARG C 75 -2.01 -0.01 -10.01
C ARG C 75 -3.39 -0.61 -9.82
N THR C 76 -4.24 0.08 -9.09
CA THR C 76 -5.54 -0.48 -8.72
C THR C 76 -6.60 -0.23 -9.76
N ASN C 77 -6.41 0.78 -10.59
CA ASN C 77 -7.46 1.21 -11.49
C ASN C 77 -6.98 1.49 -12.91
N ILE C 78 -7.87 1.97 -13.77
CA ILE C 78 -7.49 2.47 -15.08
C ILE C 78 -6.85 3.84 -14.89
N THR C 79 -5.68 4.07 -15.47
CA THR C 79 -5.07 5.38 -15.38
C THR C 79 -4.87 6.05 -16.74
N VAL C 80 -5.20 7.32 -16.79
CA VAL C 80 -5.00 8.10 -18.02
C VAL C 80 -3.83 9.06 -17.82
N GLU C 81 -2.80 8.90 -18.62
CA GLU C 81 -1.55 9.62 -18.42
C GLU C 81 -1.63 11.09 -18.84
N ARG C 82 -0.99 11.96 -18.08
CA ARG C 82 -1.10 13.38 -18.37
C ARG C 82 0.09 13.88 -19.14
N VAL C 83 1.26 13.32 -18.88
CA VAL C 83 2.49 13.87 -19.45
C VAL C 83 3.51 12.80 -19.85
N ALA C 84 4.24 13.01 -20.93
CA ALA C 84 5.32 12.09 -21.30
C ALA C 84 6.65 12.77 -21.07
N ILE C 85 7.65 12.01 -20.66
CA ILE C 85 8.92 12.56 -20.18
C ILE C 85 10.09 12.14 -21.10
N ASN C 86 10.96 13.07 -21.49
CA ASN C 86 12.03 12.74 -22.44
C ASN C 86 13.19 11.98 -21.79
N ILE C 87 12.90 10.87 -21.13
CA ILE C 87 13.96 10.10 -20.48
C ILE C 87 13.70 8.60 -20.58
N ASN C 88 14.75 7.84 -20.88
CA ASN C 88 14.72 6.38 -20.75
C ASN C 88 15.52 6.06 -19.50
N ASP C 89 14.90 5.38 -18.56
CA ASP C 89 15.65 4.87 -17.42
C ASP C 89 15.08 3.54 -17.01
N ALA C 90 15.82 2.49 -17.32
CA ALA C 90 15.26 1.15 -17.17
C ALA C 90 15.84 0.38 -15.99
N ARG C 91 14.94 -0.08 -15.15
CA ARG C 91 15.22 -0.91 -13.99
C ARG C 91 15.78 -2.26 -14.49
N ILE C 92 15.10 -2.81 -15.48
CA ILE C 92 15.37 -4.13 -16.02
C ILE C 92 15.53 -3.92 -17.51
N PRO C 93 15.99 -4.96 -18.25
CA PRO C 93 16.11 -4.73 -19.70
C PRO C 93 14.83 -5.01 -20.49
N ASP C 94 14.79 -4.52 -21.73
CA ASP C 94 13.62 -4.73 -22.59
C ASP C 94 13.73 -6.09 -23.25
N ASN C 95 12.72 -6.47 -24.04
CA ASN C 95 12.71 -7.78 -24.69
C ASN C 95 14.00 -8.18 -25.44
N ALA C 96 14.80 -7.20 -25.84
CA ALA C 96 16.01 -7.45 -26.61
C ALA C 96 17.29 -7.12 -25.82
N GLY C 97 17.21 -7.16 -24.50
CA GLY C 97 18.39 -6.99 -23.68
C GLY C 97 18.89 -5.58 -23.45
N ASN C 98 18.22 -4.59 -24.04
CA ASN C 98 18.59 -3.18 -23.88
C ASN C 98 18.20 -2.63 -22.51
N GLN C 99 19.13 -1.95 -21.86
CA GLN C 99 18.79 -1.29 -20.60
C GLN C 99 19.37 0.10 -20.49
N PRO C 100 18.76 1.09 -21.17
CA PRO C 100 19.30 2.44 -21.16
C PRO C 100 19.19 3.05 -19.78
N ILE C 101 20.25 3.72 -19.34
CA ILE C 101 20.18 4.46 -18.09
C ILE C 101 20.32 5.95 -18.38
N ASP C 102 19.26 6.71 -18.09
CA ASP C 102 19.25 8.18 -18.20
C ASP C 102 19.69 8.76 -19.56
N THR C 103 19.12 8.21 -20.63
CA THR C 103 19.35 8.73 -21.97
C THR C 103 18.06 9.38 -22.42
N PRO C 104 18.16 10.34 -23.35
CA PRO C 104 16.93 10.96 -23.86
C PRO C 104 16.14 9.98 -24.71
N VAL C 105 14.83 10.11 -24.73
CA VAL C 105 14.04 9.32 -25.65
C VAL C 105 14.35 9.81 -27.06
N ILE C 106 14.34 11.13 -27.22
CA ILE C 106 14.76 11.75 -28.45
C ILE C 106 15.70 12.88 -28.13
N VAL C 107 16.95 12.76 -28.55
CA VAL C 107 17.96 13.79 -28.32
C VAL C 107 17.49 15.16 -28.80
N ASP C 108 17.69 16.16 -27.95
CA ASP C 108 17.31 17.55 -28.25
C ASP C 108 15.80 17.83 -28.39
N GLY C 109 14.97 16.88 -27.95
CA GLY C 109 13.54 17.10 -27.91
C GLY C 109 13.15 17.87 -26.67
N PRO C 110 11.94 18.44 -26.64
CA PRO C 110 11.53 19.13 -25.41
C PRO C 110 11.43 18.14 -24.25
N ALA C 111 11.53 18.64 -23.02
CA ALA C 111 11.57 17.81 -21.81
C ALA C 111 10.33 16.95 -21.70
N ALA C 112 9.18 17.53 -22.05
CA ALA C 112 7.94 16.77 -21.97
C ALA C 112 6.96 17.08 -23.11
N TYR C 113 5.92 16.26 -23.22
CA TYR C 113 4.74 16.58 -24.01
C TYR C 113 3.55 16.30 -23.14
N PHE C 114 2.60 17.22 -23.10
CA PHE C 114 1.33 16.90 -22.51
C PHE C 114 0.48 16.10 -23.49
N SER C 115 -0.21 15.10 -22.98
CA SER C 115 -1.27 14.48 -23.75
C SER C 115 -2.28 15.52 -24.22
N ARG C 116 -2.71 15.39 -25.47
CA ARG C 116 -3.72 16.28 -26.02
C ARG C 116 -5.14 15.70 -25.84
N LEU C 117 -5.23 14.51 -25.26
CA LEU C 117 -6.53 13.90 -24.98
C LEU C 117 -7.31 14.66 -23.90
N PRO C 118 -8.66 14.56 -23.92
CA PRO C 118 -9.46 15.15 -22.84
C PRO C 118 -9.46 14.24 -21.60
N ILE C 119 -8.35 14.28 -20.85
CA ILE C 119 -8.10 13.29 -19.81
C ILE C 119 -9.10 13.26 -18.63
N LYS C 120 -9.47 14.44 -18.10
CA LYS C 120 -10.48 14.53 -17.06
C LYS C 120 -11.86 14.02 -17.49
N THR C 121 -12.31 14.36 -18.70
CA THR C 121 -13.58 13.87 -19.21
C THR C 121 -13.59 12.33 -19.30
N MSE C 122 -12.47 11.76 -19.70
CA MSE C 122 -12.35 10.32 -19.82
C MSE C 122 -12.41 9.67 -18.45
O MSE C 122 -13.11 8.67 -18.23
CB MSE C 122 -11.06 9.96 -20.56
CG MSE C 122 -11.00 10.49 -21.99
SE MSE C 122 -9.17 10.57 -22.71
CE MSE C 122 -8.70 8.68 -22.55
N VAL C 123 -11.69 10.27 -17.50
CA VAL C 123 -11.71 9.76 -16.15
C VAL C 123 -13.13 9.88 -15.57
N ASN C 124 -13.85 10.95 -15.91
CA ASN C 124 -15.20 11.12 -15.42
C ASN C 124 -16.21 10.14 -15.99
N ALA C 125 -16.13 9.90 -17.29
CA ALA C 125 -17.02 8.93 -17.91
C ALA C 125 -16.75 7.57 -17.30
N LEU C 126 -15.49 7.20 -17.12
CA LEU C 126 -15.18 5.92 -16.50
C LEU C 126 -15.75 5.83 -15.08
N ASN C 127 -15.47 6.83 -14.26
CA ASN C 127 -15.98 6.82 -12.89
C ASN C 127 -17.51 6.79 -12.88
N THR C 128 -18.13 7.62 -13.69
CA THR C 128 -19.58 7.67 -13.76
C THR C 128 -20.13 6.29 -14.09
N ALA C 129 -19.49 5.59 -15.02
CA ALA C 129 -19.89 4.23 -15.39
C ALA C 129 -19.50 3.19 -14.35
N GLY C 130 -19.10 3.62 -13.14
CA GLY C 130 -18.68 2.68 -12.14
C GLY C 130 -17.32 2.01 -12.32
N ILE C 131 -16.48 2.52 -13.21
CA ILE C 131 -15.12 1.98 -13.32
C ILE C 131 -14.08 2.87 -12.62
N PRO C 132 -13.34 2.29 -11.68
CA PRO C 132 -12.30 3.04 -10.99
C PRO C 132 -11.29 3.54 -11.99
N ALA C 133 -10.91 4.80 -11.89
CA ALA C 133 -10.01 5.37 -12.86
C ALA C 133 -9.52 6.70 -12.35
N SER C 134 -8.41 7.18 -12.88
CA SER C 134 -7.82 8.42 -12.42
C SER C 134 -6.70 8.89 -13.32
N VAL C 135 -6.39 10.18 -13.23
CA VAL C 135 -5.31 10.79 -13.98
C VAL C 135 -4.00 10.44 -13.30
N SER C 136 -2.95 10.24 -14.09
CA SER C 136 -1.64 9.89 -13.59
C SER C 136 -0.66 10.91 -14.12
N GLN C 137 0.29 11.33 -13.28
CA GLN C 137 1.33 12.28 -13.68
C GLN C 137 2.65 11.63 -14.10
N THR C 138 2.72 10.31 -14.02
CA THR C 138 3.91 9.68 -14.55
C THR C 138 3.58 8.37 -15.22
N ALA C 139 4.14 8.21 -16.41
CA ALA C 139 3.91 7.05 -17.21
C ALA C 139 5.12 6.17 -17.06
N GLY C 140 5.97 6.46 -16.08
CA GLY C 140 7.14 5.65 -15.82
C GLY C 140 8.30 6.12 -16.66
N THR C 141 9.38 5.34 -16.74
CA THR C 141 10.49 5.71 -17.62
C THR C 141 10.99 4.50 -18.40
N PHE C 142 10.12 3.51 -18.54
CA PHE C 142 10.42 2.33 -19.31
C PHE C 142 9.83 2.52 -20.71
N VAL C 143 9.55 1.41 -21.40
CA VAL C 143 9.07 1.45 -22.77
C VAL C 143 7.73 2.18 -23.00
N CYS C 144 6.79 2.05 -22.06
CA CYS C 144 5.52 2.80 -22.15
C CYS C 144 5.70 4.33 -22.25
N ASN C 145 6.47 4.93 -21.35
CA ASN C 145 6.72 6.37 -21.42
C ASN C 145 7.48 6.74 -22.67
N HIS C 146 8.48 5.91 -22.97
CA HIS C 146 9.24 6.02 -24.21
C HIS C 146 8.30 6.18 -25.41
N VAL C 147 7.33 5.28 -25.54
CA VAL C 147 6.42 5.29 -26.68
C VAL C 147 5.48 6.51 -26.66
N MSE C 148 4.92 6.81 -25.51
CA MSE C 148 4.13 8.01 -25.32
C MSE C 148 4.84 9.25 -25.83
O MSE C 148 4.28 10.04 -26.59
CB MSE C 148 3.77 8.21 -23.85
CG MSE C 148 2.70 9.26 -23.66
SE MSE C 148 2.21 9.55 -21.80
CE MSE C 148 0.82 10.88 -22.09
N TYR C 149 6.09 9.42 -25.40
CA TYR C 149 6.85 10.59 -25.77
C TYR C 149 7.09 10.63 -27.26
N GLY C 150 7.53 9.51 -27.81
CA GLY C 150 7.75 9.40 -29.23
C GLY C 150 6.49 9.69 -30.00
N LEU C 151 5.37 9.12 -29.56
CA LEU C 151 4.09 9.36 -30.20
C LEU C 151 3.74 10.83 -30.28
N LEU C 152 3.82 11.52 -29.15
CA LEU C 152 3.37 12.90 -29.07
C LEU C 152 4.30 13.80 -29.84
N HIS C 153 5.58 13.42 -29.89
CA HIS C 153 6.58 14.20 -30.60
C HIS C 153 6.41 14.02 -32.11
N TYR C 154 6.23 12.78 -32.52
CA TYR C 154 6.02 12.48 -33.91
C TYR C 154 4.79 13.22 -34.41
N LEU C 155 3.68 13.10 -33.69
CA LEU C 155 2.46 13.80 -34.05
C LEU C 155 2.68 15.31 -34.18
N ALA C 156 3.42 15.88 -33.23
CA ALA C 156 3.66 17.31 -33.23
C ALA C 156 4.53 17.79 -34.39
N GLN C 157 5.35 16.92 -34.95
CA GLN C 157 6.27 17.31 -36.00
C GLN C 157 5.72 17.01 -37.39
N ASN C 158 4.66 16.23 -37.46
CA ASN C 158 4.21 15.71 -38.75
C ASN C 158 2.73 15.93 -39.01
N THR C 159 1.96 16.04 -37.95
CA THR C 159 0.50 16.14 -38.07
C THR C 159 -0.04 16.71 -36.77
N PRO C 160 0.17 18.01 -36.54
CA PRO C 160 -0.09 18.61 -35.23
C PRO C 160 -1.58 18.73 -34.87
N SER C 161 -2.46 18.48 -35.84
CA SER C 161 -3.89 18.50 -35.61
C SER C 161 -4.32 17.28 -34.81
N VAL C 162 -3.53 16.21 -34.90
CA VAL C 162 -3.93 14.91 -34.33
C VAL C 162 -3.58 14.71 -32.86
N ARG C 163 -4.58 14.38 -32.05
CA ARG C 163 -4.37 14.24 -30.61
CA ARG C 163 -4.35 14.25 -30.62
C ARG C 163 -3.91 12.84 -30.21
N GLY C 164 -3.05 12.78 -29.18
CA GLY C 164 -2.47 11.52 -28.76
C GLY C 164 -2.48 11.37 -27.26
N GLY C 165 -2.37 10.14 -26.78
CA GLY C 165 -2.34 9.92 -25.35
C GLY C 165 -2.14 8.46 -24.98
N PHE C 166 -2.06 8.21 -23.66
CA PHE C 166 -1.71 6.90 -23.14
C PHE C 166 -2.63 6.51 -21.98
N ILE C 167 -3.04 5.24 -21.97
CA ILE C 167 -3.85 4.73 -20.88
C ILE C 167 -3.11 3.54 -20.31
N HIS C 168 -3.01 3.46 -18.97
CA HIS C 168 -2.44 2.27 -18.34
C HIS C 168 -3.53 1.40 -17.74
N VAL C 169 -3.40 0.08 -17.89
CA VAL C 169 -4.31 -0.86 -17.24
C VAL C 169 -3.56 -1.65 -16.18
N PRO C 170 -4.28 -2.09 -15.16
CA PRO C 170 -3.70 -2.93 -14.10
C PRO C 170 -3.41 -4.36 -14.55
N TYR C 171 -3.02 -5.20 -13.60
CA TYR C 171 -2.79 -6.61 -13.88
C TYR C 171 -4.11 -7.31 -14.13
N LEU C 172 -4.10 -8.33 -15.00
CA LEU C 172 -5.18 -9.30 -15.03
C LEU C 172 -5.13 -10.12 -13.74
N PRO C 173 -6.27 -10.70 -13.35
CA PRO C 173 -6.21 -11.52 -12.13
C PRO C 173 -5.24 -12.70 -12.25
N GLU C 174 -5.19 -13.38 -13.40
CA GLU C 174 -4.14 -14.35 -13.72
C GLU C 174 -2.73 -13.93 -13.27
N GLN C 175 -2.38 -12.68 -13.57
CA GLN C 175 -1.06 -12.16 -13.23
C GLN C 175 -0.91 -11.86 -11.75
N ALA C 176 -1.99 -11.49 -11.07
CA ALA C 176 -1.85 -11.12 -9.67
C ALA C 176 -1.74 -12.35 -8.78
N VAL C 177 -2.10 -13.51 -9.32
CA VAL C 177 -1.97 -14.76 -8.58
C VAL C 177 -0.50 -15.01 -8.23
N LYS C 178 0.37 -14.82 -9.22
CA LYS C 178 1.83 -14.93 -9.04
C LYS C 178 2.34 -13.87 -8.07
N ASP C 179 2.36 -12.63 -8.54
CA ASP C 179 2.69 -11.43 -7.74
C ASP C 179 1.93 -11.30 -6.40
N GLY C 180 1.09 -12.28 -6.10
CA GLY C 180 0.39 -12.38 -4.82
C GLY C 180 -0.55 -11.26 -4.47
N ASN C 181 -0.10 -10.43 -3.53
CA ASN C 181 -0.96 -9.39 -2.97
C ASN C 181 -1.18 -8.19 -3.91
N GLN C 182 -1.61 -8.47 -5.14
CA GLN C 182 -1.65 -7.43 -6.17
C GLN C 182 -3.04 -7.14 -6.70
N SER C 183 -3.30 -5.86 -6.95
CA SER C 183 -4.58 -5.44 -7.48
C SER C 183 -4.76 -6.00 -8.89
N SER C 184 -5.98 -6.34 -9.24
CA SER C 184 -6.27 -6.75 -10.59
C SER C 184 -7.60 -6.21 -11.05
N MSE C 185 -7.84 -6.38 -12.34
CA MSE C 185 -9.09 -6.06 -13.00
C MSE C 185 -9.32 -7.11 -14.10
O MSE C 185 -8.39 -7.48 -14.82
CB MSE C 185 -9.00 -4.65 -13.53
CG MSE C 185 -10.21 -4.16 -14.25
SE MSE C 185 -9.96 -2.28 -14.63
CE MSE C 185 -9.86 -1.61 -12.79
N THR C 186 -10.53 -7.66 -14.21
CA THR C 186 -10.76 -8.74 -15.16
C THR C 186 -10.63 -8.24 -16.59
N LEU C 187 -10.31 -9.13 -17.54
CA LEU C 187 -10.19 -8.72 -18.93
C LEU C 187 -11.41 -7.95 -19.43
N MSE C 188 -12.59 -8.47 -19.13
CA MSE C 188 -13.83 -7.85 -19.57
C MSE C 188 -14.01 -6.41 -19.12
O MSE C 188 -14.48 -5.55 -19.87
CB MSE C 188 -15.02 -8.65 -19.12
CG MSE C 188 -15.67 -9.45 -20.22
SE MSE C 188 -17.27 -10.26 -19.49
CE MSE C 188 -18.11 -8.67 -18.77
N LEU C 189 -13.66 -6.14 -17.87
CA LEU C 189 -13.82 -4.80 -17.37
C LEU C 189 -12.77 -3.87 -18.02
N MSE C 190 -11.61 -4.41 -18.37
CA MSE C 190 -10.63 -3.61 -19.10
C MSE C 190 -11.16 -3.21 -20.46
O MSE C 190 -11.10 -2.04 -20.84
CB MSE C 190 -9.35 -4.41 -19.31
CG MSE C 190 -8.47 -4.52 -18.10
SE MSE C 190 -6.79 -5.42 -18.58
CE MSE C 190 -6.31 -4.43 -20.14
N THR C 191 -11.67 -4.19 -21.22
CA THR C 191 -12.12 -3.91 -22.57
C THR C 191 -13.21 -2.85 -22.53
N LEU C 192 -14.10 -2.98 -21.55
CA LEU C 192 -15.19 -2.04 -21.37
C LEU C 192 -14.65 -0.65 -21.07
N ALA C 193 -13.76 -0.58 -20.10
CA ALA C 193 -13.12 0.66 -19.76
C ALA C 193 -12.46 1.33 -20.97
N LEU C 194 -11.74 0.55 -21.77
CA LEU C 194 -11.01 1.12 -22.88
C LEU C 194 -11.99 1.65 -23.94
N LYS C 195 -13.08 0.92 -24.16
CA LYS C 195 -14.07 1.34 -25.12
C LYS C 195 -14.74 2.66 -24.70
N ILE C 196 -15.03 2.83 -23.42
CA ILE C 196 -15.62 4.07 -22.90
C ILE C 196 -14.63 5.25 -23.00
N ALA C 197 -13.37 4.99 -22.72
CA ALA C 197 -12.37 6.04 -22.77
C ALA C 197 -12.21 6.58 -24.19
N ILE C 198 -12.11 5.65 -25.14
CA ILE C 198 -11.90 6.02 -26.54
C ILE C 198 -13.12 6.73 -27.12
N GLU C 199 -14.32 6.24 -26.82
CA GLU C 199 -15.54 6.92 -27.22
C GLU C 199 -15.57 8.34 -26.69
N THR C 200 -15.19 8.50 -25.43
CA THR C 200 -15.16 9.81 -24.81
C THR C 200 -14.10 10.72 -25.47
N ALA C 201 -12.94 10.15 -25.77
CA ALA C 201 -11.84 10.95 -26.29
C ALA C 201 -12.18 11.43 -27.68
N TRP C 202 -12.86 10.58 -28.43
CA TRP C 202 -13.23 10.92 -29.78
C TRP C 202 -14.31 11.99 -29.80
N LYS C 203 -15.31 11.85 -28.92
CA LYS C 203 -16.40 12.81 -28.83
C LYS C 203 -15.94 14.19 -28.42
N ASN C 204 -14.82 14.27 -27.73
CA ASN C 204 -14.32 15.57 -27.27
C ASN C 204 -13.00 15.97 -27.93
N LYS D 3 -29.25 -33.30 1.22
CA LYS D 3 -27.87 -32.86 1.48
C LYS D 3 -27.65 -31.37 1.20
N THR D 4 -27.50 -30.55 2.24
CA THR D 4 -27.50 -29.09 2.04
C THR D 4 -26.26 -28.31 2.51
N ILE D 5 -25.82 -27.39 1.67
CA ILE D 5 -24.74 -26.45 1.99
C ILE D 5 -25.38 -25.08 2.20
N LEU D 6 -25.30 -24.55 3.42
CA LEU D 6 -25.81 -23.24 3.70
C LEU D 6 -24.72 -22.19 3.46
N VAL D 7 -25.01 -21.19 2.63
CA VAL D 7 -24.11 -20.06 2.39
C VAL D 7 -24.78 -18.74 2.79
N THR D 8 -24.13 -17.97 3.65
CA THR D 8 -24.74 -16.73 4.10
C THR D 8 -23.95 -15.51 3.64
N ALA D 9 -24.65 -14.39 3.54
CA ALA D 9 -24.02 -13.09 3.31
C ALA D 9 -24.81 -12.00 4.04
N PHE D 10 -24.33 -10.78 3.98
CA PHE D 10 -24.98 -9.71 4.73
C PHE D 10 -25.84 -8.83 3.86
N ASP D 11 -26.79 -8.13 4.47
CA ASP D 11 -27.51 -7.09 3.76
C ASP D 11 -26.62 -5.86 3.77
N PRO D 12 -26.86 -4.90 2.86
CA PRO D 12 -25.90 -3.79 2.72
C PRO D 12 -25.69 -3.07 4.04
N PHE D 13 -24.48 -2.60 4.24
CA PHE D 13 -24.17 -1.84 5.42
C PHE D 13 -24.59 -0.40 5.13
N GLY D 14 -25.39 0.18 6.03
CA GLY D 14 -25.93 1.54 5.96
C GLY D 14 -25.56 2.43 4.78
N GLY D 15 -24.27 2.74 4.65
CA GLY D 15 -23.77 3.51 3.54
C GLY D 15 -24.16 2.88 2.20
N GLU D 16 -23.48 1.78 1.86
CA GLU D 16 -23.68 1.06 0.60
C GLU D 16 -25.16 0.78 0.24
N ALA D 17 -25.46 0.76 -1.05
CA ALA D 17 -26.82 0.50 -1.54
C ALA D 17 -27.02 -0.99 -1.76
N ILE D 18 -25.92 -1.70 -1.90
CA ILE D 18 -25.93 -3.15 -1.95
C ILE D 18 -24.79 -3.71 -1.13
N ASN D 19 -24.88 -5.01 -0.83
CA ASN D 19 -23.73 -5.71 -0.33
C ASN D 19 -23.29 -6.73 -1.37
N PRO D 20 -22.05 -6.58 -1.83
CA PRO D 20 -21.51 -7.50 -2.82
C PRO D 20 -21.52 -8.99 -2.40
N SER D 21 -21.22 -9.29 -1.14
CA SER D 21 -21.20 -10.68 -0.73
C SER D 21 -22.54 -11.34 -1.03
N TRP D 22 -23.62 -10.60 -0.79
CA TRP D 22 -24.95 -11.05 -1.15
C TRP D 22 -25.11 -11.12 -2.69
N GLU D 23 -24.78 -10.03 -3.38
CA GLU D 23 -24.85 -10.04 -4.84
C GLU D 23 -24.10 -11.19 -5.47
N ALA D 24 -22.96 -11.56 -4.87
CA ALA D 24 -22.12 -12.61 -5.40
C ALA D 24 -22.65 -14.03 -5.24
N ILE D 25 -23.46 -14.27 -4.20
CA ILE D 25 -23.92 -15.63 -3.94
C ILE D 25 -25.33 -15.88 -4.44
N LYS D 26 -26.08 -14.82 -4.77
CA LYS D 26 -27.41 -14.95 -5.38
C LYS D 26 -27.50 -15.95 -6.53
N PRO D 27 -26.54 -15.91 -7.48
CA PRO D 27 -26.63 -16.90 -8.56
C PRO D 27 -26.52 -18.36 -8.10
N LEU D 28 -26.05 -18.58 -6.87
CA LEU D 28 -25.81 -19.94 -6.38
C LEU D 28 -27.03 -20.58 -5.73
N GLN D 29 -28.10 -19.82 -5.52
CA GLN D 29 -29.26 -20.35 -4.84
C GLN D 29 -29.84 -21.53 -5.61
N GLY D 30 -29.95 -22.68 -4.94
CA GLY D 30 -30.49 -23.88 -5.55
C GLY D 30 -29.53 -24.72 -6.37
N SER D 31 -28.32 -24.22 -6.59
CA SER D 31 -27.38 -24.92 -7.46
C SER D 31 -26.86 -26.22 -6.83
N GLN D 32 -26.68 -27.24 -7.67
CA GLN D 32 -26.19 -28.54 -7.24
C GLN D 32 -24.68 -28.53 -7.21
N VAL D 33 -24.13 -29.16 -6.18
CA VAL D 33 -22.70 -29.44 -6.15
C VAL D 33 -22.54 -30.84 -5.56
N PHE D 34 -22.01 -31.74 -6.38
CA PHE D 34 -21.79 -33.14 -6.01
C PHE D 34 -22.90 -33.84 -5.22
N GLY D 35 -24.15 -33.54 -5.57
CA GLY D 35 -25.28 -34.13 -4.88
C GLY D 35 -25.73 -33.34 -3.67
N ALA D 36 -25.20 -32.13 -3.51
CA ALA D 36 -25.68 -31.25 -2.45
C ALA D 36 -26.39 -30.04 -3.06
N ASN D 37 -27.21 -29.36 -2.28
CA ASN D 37 -27.84 -28.15 -2.78
C ASN D 37 -27.34 -26.92 -2.07
N ILE D 38 -27.09 -25.84 -2.81
CA ILE D 38 -26.75 -24.59 -2.14
C ILE D 38 -28.03 -23.87 -1.68
N GLU D 39 -28.07 -23.53 -0.39
CA GLU D 39 -29.13 -22.68 0.14
C GLU D 39 -28.46 -21.38 0.55
N ILE D 40 -28.94 -20.25 0.04
CA ILE D 40 -28.40 -18.98 0.51
C ILE D 40 -29.34 -18.33 1.51
N CYS D 41 -28.80 -17.38 2.28
CA CYS D 41 -29.57 -16.66 3.30
C CYS D 41 -28.87 -15.34 3.63
N GLN D 42 -29.62 -14.26 3.61
CA GLN D 42 -29.07 -12.95 3.92
C GLN D 42 -29.31 -12.66 5.39
N ILE D 43 -28.30 -12.15 6.08
CA ILE D 43 -28.46 -11.87 7.51
C ILE D 43 -28.13 -10.42 7.84
N PRO D 44 -28.79 -9.86 8.85
CA PRO D 44 -28.57 -8.43 9.07
C PRO D 44 -27.16 -8.13 9.57
N CYS D 45 -26.65 -6.95 9.21
CA CYS D 45 -25.35 -6.50 9.64
C CYS D 45 -25.50 -5.79 10.98
N ILE D 46 -25.84 -6.57 12.01
CA ILE D 46 -26.10 -6.05 13.34
C ILE D 46 -25.55 -7.05 14.35
N PHE D 47 -24.87 -6.57 15.38
CA PHE D 47 -24.36 -7.47 16.40
C PHE D 47 -25.52 -8.16 17.10
N ASP D 48 -25.34 -9.46 17.37
CA ASP D 48 -26.30 -10.30 18.08
C ASP D 48 -27.55 -10.70 17.29
N THR D 49 -28.23 -9.74 16.67
CA THR D 49 -29.37 -10.10 15.82
C THR D 49 -28.93 -11.02 14.69
N SER D 50 -27.73 -10.78 14.18
CA SER D 50 -27.20 -11.59 13.10
C SER D 50 -27.04 -13.05 13.53
N LEU D 51 -26.49 -13.27 14.72
CA LEU D 51 -26.33 -14.65 15.20
C LEU D 51 -27.71 -15.32 15.32
N GLU D 52 -28.72 -14.55 15.71
CA GLU D 52 -30.06 -15.07 15.79
C GLU D 52 -30.55 -15.56 14.43
N HIS D 53 -30.45 -14.73 13.40
CA HIS D 53 -30.80 -15.18 12.07
C HIS D 53 -29.97 -16.41 11.68
N LEU D 54 -28.68 -16.38 11.98
CA LEU D 54 -27.80 -17.46 11.57
C LEU D 54 -28.18 -18.77 12.25
N TYR D 55 -28.36 -18.72 13.56
CA TYR D 55 -28.77 -19.91 14.31
C TYR D 55 -30.10 -20.44 13.75
N ALA D 56 -30.99 -19.53 13.38
CA ALA D 56 -32.28 -19.92 12.81
C ALA D 56 -32.12 -20.68 11.49
N ALA D 57 -31.29 -20.14 10.60
CA ALA D 57 -31.04 -20.75 9.30
C ALA D 57 -30.40 -22.14 9.40
N VAL D 58 -29.45 -22.29 10.32
CA VAL D 58 -28.83 -23.59 10.53
C VAL D 58 -29.83 -24.65 11.01
N ASP D 59 -30.71 -24.25 11.93
CA ASP D 59 -31.76 -25.14 12.44
C ASP D 59 -32.72 -25.49 11.32
N LYS D 60 -33.10 -24.49 10.53
CA LYS D 60 -34.06 -24.68 9.46
C LYS D 60 -33.52 -25.62 8.38
N TYR D 61 -32.31 -25.37 7.90
CA TYR D 61 -31.83 -26.09 6.73
C TYR D 61 -31.02 -27.33 7.05
N GLN D 62 -30.64 -27.45 8.34
CA GLN D 62 -29.77 -28.53 8.81
C GLN D 62 -28.68 -28.91 7.82
N PRO D 63 -27.71 -28.01 7.61
CA PRO D 63 -26.73 -28.21 6.53
C PRO D 63 -25.52 -29.05 6.95
N GLU D 64 -24.82 -29.68 6.01
CA GLU D 64 -23.64 -30.51 6.31
C GLU D 64 -22.36 -29.67 6.17
N LEU D 65 -22.53 -28.47 5.63
CA LEU D 65 -21.43 -27.55 5.39
C LEU D 65 -22.04 -26.16 5.39
N VAL D 66 -21.43 -25.23 6.14
CA VAL D 66 -21.86 -23.84 6.17
C VAL D 66 -20.69 -22.95 5.84
N ILE D 67 -20.88 -22.03 4.90
CA ILE D 67 -19.87 -21.03 4.61
C ILE D 67 -20.51 -19.66 4.64
N SER D 68 -19.93 -18.77 5.45
CA SER D 68 -20.38 -17.38 5.51
C SER D 68 -19.45 -16.45 4.73
N VAL D 69 -20.04 -15.48 4.04
CA VAL D 69 -19.30 -14.58 3.18
C VAL D 69 -19.48 -13.13 3.61
N GLY D 70 -18.40 -12.37 3.55
CA GLY D 70 -18.45 -10.95 3.86
C GLY D 70 -17.60 -10.11 2.92
N GLN D 71 -17.69 -8.81 3.09
CA GLN D 71 -16.91 -7.87 2.32
C GLN D 71 -15.75 -7.28 3.15
N ALA D 72 -14.57 -7.22 2.55
CA ALA D 72 -13.43 -6.64 3.21
C ALA D 72 -12.86 -5.59 2.29
N GLY D 73 -13.52 -4.43 2.25
CA GLY D 73 -13.08 -3.29 1.48
C GLY D 73 -11.62 -3.08 1.71
N GLY D 74 -10.88 -3.00 0.63
CA GLY D 74 -9.46 -2.77 0.74
C GLY D 74 -8.63 -3.94 0.29
N ARG D 75 -9.10 -5.15 0.53
CA ARG D 75 -8.30 -6.31 0.20
C ARG D 75 -8.22 -6.46 -1.32
N THR D 76 -7.15 -7.06 -1.83
CA THR D 76 -6.95 -7.10 -3.27
C THR D 76 -7.56 -8.34 -3.87
N ASN D 77 -7.90 -9.30 -3.03
CA ASN D 77 -8.14 -10.65 -3.52
C ASN D 77 -9.21 -11.39 -2.70
N ILE D 78 -9.36 -12.70 -2.95
CA ILE D 78 -10.29 -13.50 -2.18
C ILE D 78 -9.58 -14.03 -0.95
N THR D 79 -10.19 -13.89 0.22
CA THR D 79 -9.52 -14.40 1.40
C THR D 79 -10.34 -15.41 2.17
N VAL D 80 -9.70 -16.52 2.51
CA VAL D 80 -10.35 -17.58 3.26
C VAL D 80 -9.85 -17.48 4.69
N GLU D 81 -10.75 -17.22 5.64
CA GLU D 81 -10.36 -16.93 7.03
C GLU D 81 -9.93 -18.18 7.79
N ARG D 82 -8.85 -18.06 8.54
CA ARG D 82 -8.32 -19.17 9.31
C ARG D 82 -8.93 -19.25 10.73
N VAL D 83 -9.21 -18.09 11.32
CA VAL D 83 -9.60 -18.13 12.72
C VAL D 83 -10.63 -17.05 13.07
N ALA D 84 -11.55 -17.37 13.96
CA ALA D 84 -12.49 -16.39 14.49
C ALA D 84 -12.12 -16.08 15.94
N ILE D 85 -12.15 -14.80 16.27
CA ILE D 85 -11.71 -14.29 17.58
C ILE D 85 -12.94 -13.93 18.44
N ASN D 86 -12.89 -14.20 19.75
CA ASN D 86 -14.02 -13.93 20.63
C ASN D 86 -14.09 -12.49 21.12
N ILE D 87 -14.14 -11.55 20.19
CA ILE D 87 -14.17 -10.15 20.56
C ILE D 87 -14.99 -9.33 19.57
N ASN D 88 -15.75 -8.39 20.10
CA ASN D 88 -16.42 -7.38 19.32
C ASN D 88 -15.68 -6.07 19.55
N ASP D 89 -15.23 -5.43 18.48
CA ASP D 89 -14.66 -4.10 18.61
C ASP D 89 -14.95 -3.25 17.39
N ALA D 90 -15.87 -2.30 17.56
CA ALA D 90 -16.46 -1.61 16.44
C ALA D 90 -15.96 -0.19 16.33
N ARG D 91 -15.41 0.12 15.17
CA ARG D 91 -14.82 1.41 14.92
C ARG D 91 -15.95 2.38 14.58
N ILE D 92 -16.99 1.82 13.97
CA ILE D 92 -18.19 2.55 13.57
C ILE D 92 -19.37 1.69 14.00
N PRO D 93 -20.59 2.23 14.00
CA PRO D 93 -21.68 1.37 14.49
C PRO D 93 -22.31 0.44 13.43
N ASP D 94 -23.05 -0.56 13.91
CA ASP D 94 -23.73 -1.51 13.03
C ASP D 94 -25.03 -0.90 12.48
N ASN D 95 -25.75 -1.65 11.66
CA ASN D 95 -26.98 -1.15 11.05
C ASN D 95 -28.04 -0.69 12.05
N ALA D 96 -27.90 -1.07 13.30
CA ALA D 96 -28.86 -0.70 14.35
C ALA D 96 -28.31 0.28 15.41
N GLY D 97 -27.15 0.90 15.13
CA GLY D 97 -26.60 1.90 16.02
C GLY D 97 -25.70 1.42 17.15
N ASN D 98 -25.52 0.10 17.27
CA ASN D 98 -24.66 -0.51 18.28
C ASN D 98 -23.18 -0.38 17.94
N GLN D 99 -22.39 0.09 18.90
CA GLN D 99 -20.94 0.11 18.71
C GLN D 99 -20.22 -0.44 19.93
N PRO D 100 -20.15 -1.77 20.03
CA PRO D 100 -19.56 -2.41 21.20
C PRO D 100 -18.06 -2.23 21.21
N ILE D 101 -17.48 -2.02 22.40
CA ILE D 101 -16.03 -1.82 22.53
C ILE D 101 -15.38 -2.86 23.44
N ASP D 102 -14.64 -3.81 22.86
CA ASP D 102 -13.95 -4.88 23.60
C ASP D 102 -14.86 -5.74 24.48
N THR D 103 -15.82 -6.42 23.86
CA THR D 103 -16.78 -7.24 24.57
C THR D 103 -16.78 -8.61 23.92
N PRO D 104 -16.99 -9.67 24.70
CA PRO D 104 -17.06 -11.04 24.19
C PRO D 104 -18.06 -11.14 23.06
N VAL D 105 -17.86 -12.03 22.11
CA VAL D 105 -18.92 -12.34 21.17
C VAL D 105 -19.87 -13.24 21.96
N ILE D 106 -19.29 -14.15 22.72
CA ILE D 106 -20.02 -15.06 23.56
C ILE D 106 -19.27 -15.20 24.89
N VAL D 107 -19.93 -14.83 25.97
CA VAL D 107 -19.26 -14.85 27.26
C VAL D 107 -18.84 -16.26 27.63
N ASP D 108 -17.62 -16.38 28.15
CA ASP D 108 -17.07 -17.66 28.59
C ASP D 108 -16.85 -18.67 27.46
N GLY D 109 -17.04 -18.23 26.22
CA GLY D 109 -16.65 -19.03 25.08
C GLY D 109 -15.14 -19.03 25.04
N PRO D 110 -14.54 -19.98 24.31
CA PRO D 110 -13.09 -20.04 24.11
C PRO D 110 -12.57 -18.81 23.40
N ALA D 111 -11.29 -18.45 23.57
CA ALA D 111 -10.72 -17.27 22.91
C ALA D 111 -10.93 -17.26 21.40
N ALA D 112 -10.90 -18.44 20.76
CA ALA D 112 -11.04 -18.48 19.32
C ALA D 112 -11.58 -19.81 18.78
N TYR D 113 -11.83 -19.84 17.48
CA TYR D 113 -12.20 -21.07 16.77
C TYR D 113 -11.50 -21.08 15.44
N PHE D 114 -10.81 -22.17 15.13
CA PHE D 114 -10.24 -22.33 13.81
C PHE D 114 -11.35 -22.74 12.83
N SER D 115 -11.25 -22.29 11.60
CA SER D 115 -12.17 -22.75 10.59
C SER D 115 -11.93 -24.23 10.41
N ARG D 116 -13.00 -24.99 10.20
CA ARG D 116 -12.92 -26.43 9.98
C ARG D 116 -12.78 -26.72 8.48
N LEU D 117 -12.87 -25.68 7.67
CA LEU D 117 -12.84 -25.83 6.22
C LEU D 117 -11.43 -26.14 5.70
N PRO D 118 -11.32 -26.79 4.53
CA PRO D 118 -10.00 -27.09 3.94
C PRO D 118 -9.38 -25.89 3.25
N ILE D 119 -8.89 -24.94 4.04
CA ILE D 119 -8.53 -23.60 3.55
C ILE D 119 -7.41 -23.50 2.51
N LYS D 120 -6.34 -24.25 2.68
CA LYS D 120 -5.24 -24.24 1.72
C LYS D 120 -5.69 -24.79 0.37
N THR D 121 -6.47 -25.85 0.38
CA THR D 121 -6.96 -26.46 -0.85
C THR D 121 -7.87 -25.50 -1.59
N MSE D 122 -8.68 -24.75 -0.83
CA MSE D 122 -9.52 -23.73 -1.43
C MSE D 122 -8.71 -22.58 -2.05
O MSE D 122 -8.99 -22.17 -3.18
CB MSE D 122 -10.52 -23.19 -0.41
CG MSE D 122 -11.39 -24.26 0.20
SE MSE D 122 -12.62 -23.57 1.55
CE MSE D 122 -11.65 -23.74 3.07
N VAL D 123 -7.73 -22.05 -1.33
CA VAL D 123 -6.84 -21.02 -1.87
C VAL D 123 -6.10 -21.56 -3.10
N ASN D 124 -5.70 -22.82 -3.05
CA ASN D 124 -5.02 -23.42 -4.19
C ASN D 124 -5.90 -23.63 -5.42
N ALA D 125 -7.13 -24.09 -5.19
CA ALA D 125 -8.05 -24.30 -6.29
C ALA D 125 -8.29 -22.95 -6.97
N LEU D 126 -8.39 -21.90 -6.16
CA LEU D 126 -8.58 -20.56 -6.69
C LEU D 126 -7.36 -20.08 -7.47
N ASN D 127 -6.19 -20.15 -6.86
CA ASN D 127 -4.97 -19.72 -7.53
C ASN D 127 -4.78 -20.45 -8.86
N THR D 128 -5.02 -21.76 -8.88
CA THR D 128 -4.94 -22.57 -10.10
C THR D 128 -5.95 -22.17 -11.18
N ALA D 129 -7.11 -21.68 -10.79
CA ALA D 129 -8.08 -21.21 -11.76
C ALA D 129 -7.79 -19.76 -12.12
N GLY D 130 -6.62 -19.26 -11.79
CA GLY D 130 -6.31 -17.90 -12.13
C GLY D 130 -6.91 -16.81 -11.24
N ILE D 131 -7.54 -17.18 -10.13
CA ILE D 131 -8.12 -16.19 -9.24
C ILE D 131 -7.24 -15.91 -8.02
N PRO D 132 -6.84 -14.65 -7.83
CA PRO D 132 -5.99 -14.25 -6.69
C PRO D 132 -6.69 -14.59 -5.38
N ALA D 133 -5.99 -15.27 -4.49
CA ALA D 133 -6.57 -15.68 -3.23
C ALA D 133 -5.47 -15.99 -2.23
N SER D 134 -5.85 -16.00 -0.96
CA SER D 134 -4.92 -16.23 0.13
C SER D 134 -5.66 -16.48 1.43
N VAL D 135 -4.94 -17.11 2.36
CA VAL D 135 -5.46 -17.41 3.69
C VAL D 135 -5.28 -16.14 4.49
N SER D 136 -6.28 -15.80 5.31
CA SER D 136 -6.22 -14.61 6.15
C SER D 136 -6.20 -15.01 7.61
N GLN D 137 -5.36 -14.32 8.40
CA GLN D 137 -5.24 -14.62 9.83
C GLN D 137 -6.16 -13.79 10.70
N THR D 138 -6.93 -12.90 10.10
CA THR D 138 -7.84 -12.10 10.89
C THR D 138 -9.10 -11.74 10.11
N ALA D 139 -10.23 -11.99 10.72
CA ALA D 139 -11.48 -11.61 10.10
C ALA D 139 -11.98 -10.27 10.62
N GLY D 140 -11.09 -9.46 11.20
CA GLY D 140 -11.47 -8.20 11.81
C GLY D 140 -12.20 -8.39 13.13
N THR D 141 -12.87 -7.35 13.63
CA THR D 141 -13.59 -7.50 14.90
C THR D 141 -14.97 -6.86 14.79
N PHE D 142 -15.44 -6.71 13.56
CA PHE D 142 -16.76 -6.17 13.33
C PHE D 142 -17.78 -7.33 13.23
N VAL D 143 -18.89 -7.10 12.53
CA VAL D 143 -19.94 -8.10 12.40
C VAL D 143 -19.49 -9.38 11.69
N CYS D 144 -18.58 -9.28 10.73
CA CYS D 144 -18.15 -10.47 10.00
C CYS D 144 -17.49 -11.50 10.94
N ASN D 145 -16.55 -11.05 11.78
CA ASN D 145 -15.88 -11.97 12.71
C ASN D 145 -16.86 -12.46 13.78
N HIS D 146 -17.67 -11.53 14.27
CA HIS D 146 -18.75 -11.82 15.20
C HIS D 146 -19.53 -13.03 14.70
N VAL D 147 -19.90 -13.00 13.43
CA VAL D 147 -20.71 -14.06 12.87
C VAL D 147 -19.92 -15.36 12.71
N MSE D 148 -18.67 -15.24 12.24
CA MSE D 148 -17.81 -16.40 12.07
C MSE D 148 -17.64 -17.10 13.40
O MSE D 148 -17.70 -18.32 13.49
CB MSE D 148 -16.45 -16.00 11.52
CG MSE D 148 -15.54 -17.17 11.22
SE MSE D 148 -13.72 -16.65 10.69
CE MSE D 148 -13.00 -18.46 10.50
N TYR D 149 -17.47 -16.33 14.46
CA TYR D 149 -17.27 -16.92 15.75
C TYR D 149 -18.51 -17.63 16.24
N GLY D 150 -19.64 -16.95 16.16
CA GLY D 150 -20.90 -17.53 16.61
C GLY D 150 -21.19 -18.80 15.85
N LEU D 151 -20.91 -18.77 14.56
CA LEU D 151 -21.12 -19.93 13.71
C LEU D 151 -20.35 -21.15 14.21
N LEU D 152 -19.05 -20.98 14.43
CA LEU D 152 -18.21 -22.09 14.81
C LEU D 152 -18.62 -22.60 16.19
N HIS D 153 -18.93 -21.67 17.09
CA HIS D 153 -19.39 -22.02 18.43
C HIS D 153 -20.67 -22.86 18.38
N TYR D 154 -21.65 -22.36 17.64
CA TYR D 154 -22.94 -23.01 17.53
C TYR D 154 -22.82 -24.42 16.94
N LEU D 155 -22.03 -24.56 15.88
CA LEU D 155 -21.83 -25.88 15.29
C LEU D 155 -21.11 -26.81 16.24
N ALA D 156 -20.10 -26.28 16.92
CA ALA D 156 -19.35 -27.07 17.86
C ALA D 156 -20.28 -27.65 18.89
N GLN D 157 -21.20 -26.83 19.40
CA GLN D 157 -22.10 -27.22 20.50
C GLN D 157 -23.27 -28.11 20.10
N ASN D 158 -23.79 -27.96 18.88
CA ASN D 158 -25.01 -28.67 18.51
C ASN D 158 -24.84 -29.73 17.44
N THR D 159 -23.89 -29.50 16.54
CA THR D 159 -23.72 -30.36 15.38
C THR D 159 -22.25 -30.42 15.00
N PRO D 160 -21.43 -31.08 15.84
CA PRO D 160 -19.96 -31.03 15.81
C PRO D 160 -19.28 -31.56 14.54
N SER D 161 -19.97 -32.37 13.75
CA SER D 161 -19.35 -32.92 12.54
C SER D 161 -19.48 -31.97 11.36
N VAL D 162 -20.30 -30.94 11.52
CA VAL D 162 -20.52 -29.97 10.47
C VAL D 162 -19.46 -28.88 10.46
N ARG D 163 -18.82 -28.71 9.30
CA ARG D 163 -17.72 -27.77 9.20
C ARG D 163 -18.20 -26.40 8.78
N GLY D 164 -17.61 -25.37 9.38
CA GLY D 164 -17.98 -24.00 9.06
C GLY D 164 -16.76 -23.17 8.73
N GLY D 165 -16.96 -22.09 7.98
CA GLY D 165 -15.87 -21.17 7.72
C GLY D 165 -16.34 -19.89 7.06
N PHE D 166 -15.45 -18.92 6.93
CA PHE D 166 -15.78 -17.60 6.41
C PHE D 166 -14.90 -17.25 5.23
N ILE D 167 -15.47 -16.54 4.26
CA ILE D 167 -14.72 -16.05 3.09
C ILE D 167 -14.97 -14.55 2.94
N HIS D 168 -13.92 -13.78 2.70
CA HIS D 168 -14.06 -12.34 2.43
C HIS D 168 -13.87 -12.00 0.95
N VAL D 169 -14.77 -11.20 0.40
CA VAL D 169 -14.56 -10.66 -0.95
C VAL D 169 -14.13 -9.19 -0.85
N PRO D 170 -13.44 -8.69 -1.87
CA PRO D 170 -13.03 -7.30 -1.91
C PRO D 170 -14.14 -6.36 -2.42
N TYR D 171 -13.81 -5.09 -2.63
CA TYR D 171 -14.79 -4.13 -3.17
C TYR D 171 -15.22 -4.48 -4.58
N LEU D 172 -16.45 -4.14 -4.93
CA LEU D 172 -16.84 -4.16 -6.32
C LEU D 172 -16.25 -2.88 -6.91
N PRO D 173 -16.03 -2.86 -8.23
CA PRO D 173 -15.48 -1.67 -8.85
C PRO D 173 -16.30 -0.39 -8.63
N GLU D 174 -17.62 -0.48 -8.67
CA GLU D 174 -18.45 0.71 -8.40
C GLU D 174 -18.20 1.25 -7.01
N GLN D 175 -17.84 0.36 -6.09
CA GLN D 175 -17.53 0.75 -4.71
C GLN D 175 -16.19 1.42 -4.63
N ALA D 176 -15.28 1.01 -5.49
CA ALA D 176 -13.92 1.50 -5.42
C ALA D 176 -13.79 2.89 -6.07
N VAL D 177 -14.79 3.29 -6.85
CA VAL D 177 -14.77 4.57 -7.52
C VAL D 177 -14.77 5.66 -6.48
N LYS D 178 -15.72 5.57 -5.55
CA LYS D 178 -15.85 6.55 -4.48
C LYS D 178 -14.58 6.55 -3.64
N ASP D 179 -14.32 5.42 -2.97
CA ASP D 179 -13.09 5.20 -2.18
C ASP D 179 -11.75 5.49 -2.87
N GLY D 180 -11.80 6.13 -4.04
CA GLY D 180 -10.62 6.47 -4.81
C GLY D 180 -9.72 5.30 -5.14
N ASN D 181 -8.55 5.30 -4.53
CA ASN D 181 -7.47 4.37 -4.88
C ASN D 181 -7.61 2.92 -4.32
N GLN D 182 -8.72 2.23 -4.62
CA GLN D 182 -8.96 0.96 -3.92
C GLN D 182 -9.13 -0.24 -4.84
N SER D 183 -8.52 -1.35 -4.43
CA SER D 183 -8.56 -2.58 -5.20
C SER D 183 -9.99 -3.06 -5.35
N SER D 184 -10.33 -3.56 -6.53
CA SER D 184 -11.64 -4.15 -6.72
C SER D 184 -11.55 -5.48 -7.41
N MSE D 185 -12.72 -6.11 -7.56
CA MSE D 185 -12.86 -7.36 -8.25
C MSE D 185 -14.30 -7.40 -8.77
O MSE D 185 -15.22 -7.04 -8.05
CB MSE D 185 -12.58 -8.48 -7.31
CG MSE D 185 -12.68 -9.84 -7.95
SE MSE D 185 -12.15 -11.26 -6.75
CE MSE D 185 -10.25 -10.87 -6.58
N THR D 186 -14.51 -7.77 -10.02
CA THR D 186 -15.88 -7.77 -10.55
C THR D 186 -16.81 -8.83 -9.92
N LEU D 187 -18.11 -8.54 -9.89
CA LEU D 187 -19.12 -9.46 -9.35
C LEU D 187 -18.98 -10.81 -10.00
N MSE D 188 -18.75 -10.79 -11.31
CA MSE D 188 -18.61 -12.00 -12.10
C MSE D 188 -17.48 -12.89 -11.60
O MSE D 188 -17.67 -14.08 -11.41
CB MSE D 188 -18.36 -11.62 -13.55
CG MSE D 188 -18.48 -12.75 -14.54
SE MSE D 188 -19.40 -12.09 -16.13
CE MSE D 188 -21.16 -11.74 -15.30
N LEU D 189 -16.31 -12.29 -11.35
CA LEU D 189 -15.20 -13.07 -10.85
C LEU D 189 -15.53 -13.59 -9.45
N MSE D 190 -16.18 -12.74 -8.67
CA MSE D 190 -16.49 -13.03 -7.29
C MSE D 190 -17.40 -14.26 -7.22
O MSE D 190 -17.14 -15.19 -6.44
CB MSE D 190 -17.24 -11.85 -6.73
CG MSE D 190 -16.60 -11.17 -5.58
SE MSE D 190 -17.54 -9.49 -5.13
CE MSE D 190 -18.79 -10.15 -3.85
N THR D 191 -18.45 -14.26 -8.01
CA THR D 191 -19.35 -15.40 -8.04
C THR D 191 -18.59 -16.64 -8.45
N LEU D 192 -17.77 -16.52 -9.48
CA LEU D 192 -16.98 -17.66 -9.93
C LEU D 192 -16.05 -18.17 -8.83
N ALA D 193 -15.46 -17.25 -8.08
CA ALA D 193 -14.53 -17.67 -7.04
C ALA D 193 -15.26 -18.43 -5.96
N LEU D 194 -16.37 -17.87 -5.52
CA LEU D 194 -17.14 -18.45 -4.43
C LEU D 194 -17.59 -19.86 -4.79
N LYS D 195 -18.07 -20.02 -6.01
CA LYS D 195 -18.46 -21.34 -6.49
C LYS D 195 -17.32 -22.37 -6.41
N ILE D 196 -16.15 -22.05 -6.95
CA ILE D 196 -14.96 -22.92 -6.88
C ILE D 196 -14.52 -23.19 -5.43
N ALA D 197 -14.57 -22.16 -4.61
CA ALA D 197 -14.28 -22.31 -3.19
C ALA D 197 -15.24 -23.32 -2.57
N ILE D 198 -16.53 -23.19 -2.89
CA ILE D 198 -17.53 -23.99 -2.21
C ILE D 198 -17.47 -25.44 -2.67
N GLU D 199 -17.31 -25.67 -3.98
CA GLU D 199 -17.10 -27.03 -4.49
C GLU D 199 -15.89 -27.67 -3.84
N THR D 200 -14.81 -26.90 -3.71
CA THR D 200 -13.58 -27.47 -3.20
C THR D 200 -13.78 -27.87 -1.75
N ALA D 201 -14.48 -27.02 -1.01
CA ALA D 201 -14.78 -27.27 0.38
C ALA D 201 -15.58 -28.57 0.51
N TRP D 202 -16.63 -28.69 -0.29
CA TRP D 202 -17.52 -29.84 -0.22
C TRP D 202 -16.80 -31.14 -0.54
N LYS D 203 -15.91 -31.08 -1.53
CA LYS D 203 -15.14 -32.25 -1.95
C LYS D 203 -14.17 -32.73 -0.88
N ASN D 204 -13.58 -31.80 -0.14
CA ASN D 204 -12.61 -32.18 0.88
C ASN D 204 -13.24 -32.20 2.27
N THR D 205 -14.50 -32.62 2.30
CA THR D 205 -15.34 -32.76 3.50
C THR D 205 -16.18 -34.04 3.30
N SER D 206 -15.47 -35.16 3.11
CA SER D 206 -16.10 -36.41 2.65
C SER D 206 -15.60 -37.61 3.47
N ASP D 207 -14.59 -38.31 2.96
CA ASP D 207 -13.99 -39.44 3.70
C ASP D 207 -12.67 -39.90 3.07
P PO4 E . -7.22 -1.99 27.86
O1 PO4 E . -7.18 -2.92 26.66
O2 PO4 E . -8.60 -1.40 27.99
O3 PO4 E . -6.92 -2.77 29.12
O4 PO4 E . -6.20 -0.90 27.65
CL CL F . 12.00 -10.17 15.11
P PO4 G . 23.17 11.83 -11.17
O1 PO4 G . 23.82 10.76 -12.03
O2 PO4 G . 21.70 11.92 -11.49
O3 PO4 G . 23.33 11.53 -9.70
O4 PO4 G . 23.88 13.12 -11.49
CL CL H . 5.25 21.31 2.29
P PO4 I . -10.40 17.26 -20.10
O1 PO4 I . -11.22 15.99 -20.02
O2 PO4 I . -10.63 18.07 -18.86
O3 PO4 I . -8.93 16.91 -20.20
O4 PO4 I . -10.83 18.05 -21.31
CL CL J . 2.57 -3.07 -21.39
P PO4 K . -19.09 -5.39 -11.08
O1 PO4 K . -20.54 -5.66 -11.40
O2 PO4 K . -18.96 -4.01 -10.47
O3 PO4 K . -18.62 -6.43 -10.10
O4 PO4 K . -18.24 -5.53 -12.32
P PO4 L . -6.35 -27.53 3.82
O1 PO4 L . -7.25 -28.62 4.36
O2 PO4 L . -6.38 -26.34 4.75
O3 PO4 L . -4.94 -28.04 3.70
O4 PO4 L . -6.82 -27.11 2.44
CL CL M . -20.23 -7.54 4.37
#